data_6ABJ
#
_entry.id   6ABJ
#
_cell.length_a   96.100
_cell.length_b   186.840
_cell.length_c   90.340
_cell.angle_alpha   90.00
_cell.angle_beta   90.00
_cell.angle_gamma   90.00
#
_symmetry.space_group_name_H-M   'C 2 2 21'
#
loop_
_entity.id
_entity.type
_entity.pdbx_description
1 polymer 'D-lactate dehydrogenase (Fermentative)'
2 non-polymer 'ACETATE ION'
3 water water
#
_entity_poly.entity_id   1
_entity_poly.type   'polypeptide(L)'
_entity_poly.pdbx_seq_one_letter_code
;MNHKVHHHHHHIEGRHMRILFFSSQAYDSESFQASNHRHGFELHFQQAHLQADTAVLAQGFEVVCAFVNDDLSRPVLERL
AAGGTRLVALRSAGYNHVDLAAAEALGLPVVHVPAYSPHAVAEHAVGLILTLNRRLHRAYNRTREGDFSLHGLTGFDLHG
KRVGVIGTGQIGETFARIMAGFGCELLAYDPYPNPRIQALGGRYLALDALLAESDIVSLHCPLTADTRHLIDAQRLATMK
PGAMLINTGRGALVNAAALIEALKSGQLGYLGLDVYEEEADIFFEDRSDQPLQDDVLARLLSFPNVVVTAHQAFLTREAL
AAIADTTLDNIAAWQDGTPRNRVRA
;
_entity_poly.pdbx_strand_id   A,B
#
# COMPACT_ATOMS: atom_id res chain seq x y z
N HIS A 16 -27.40 17.62 -32.34
CA HIS A 16 -25.97 17.06 -32.31
C HIS A 16 -25.01 17.78 -31.40
N MET A 17 -24.65 17.13 -30.30
CA MET A 17 -23.78 17.71 -29.31
C MET A 17 -22.31 17.48 -29.66
N ARG A 18 -21.51 18.53 -29.70
CA ARG A 18 -20.06 18.42 -29.85
C ARG A 18 -19.40 18.94 -28.55
N ILE A 19 -18.42 18.17 -28.04
CA ILE A 19 -17.81 18.48 -26.75
C ILE A 19 -16.28 18.47 -26.99
N LEU A 20 -15.65 19.58 -26.63
CA LEU A 20 -14.20 19.65 -26.65
C LEU A 20 -13.66 19.55 -25.21
N PHE A 21 -12.82 18.55 -25.02
CA PHE A 21 -12.12 18.36 -23.76
C PHE A 21 -10.74 19.01 -23.84
N PHE A 22 -10.47 19.88 -22.88
CA PHE A 22 -9.10 20.35 -22.65
C PHE A 22 -8.40 19.53 -21.56
N SER A 23 -7.06 19.63 -21.53
CA SER A 23 -6.19 18.96 -20.55
C SER A 23 -6.47 17.46 -20.51
N SER A 24 -6.68 16.87 -21.68
CA SER A 24 -7.11 15.51 -21.81
C SER A 24 -5.98 14.52 -21.55
N GLN A 25 -6.32 13.46 -20.84
CA GLN A 25 -5.45 12.31 -20.58
C GLN A 25 -6.06 11.13 -21.27
N ALA A 26 -5.25 10.13 -21.53
CA ALA A 26 -5.73 8.91 -22.05
C ALA A 26 -6.87 8.33 -21.16
N TYR A 27 -6.76 8.44 -19.85
CA TYR A 27 -7.84 7.89 -18.99
C TYR A 27 -9.15 8.66 -19.14
N ASP A 28 -9.08 9.92 -19.55
CA ASP A 28 -10.35 10.69 -19.84
C ASP A 28 -11.06 10.15 -21.08
N SER A 29 -10.29 10.02 -22.16
CA SER A 29 -10.73 9.50 -23.42
C SER A 29 -11.31 8.12 -23.27
N GLU A 30 -10.66 7.26 -22.52
CA GLU A 30 -11.15 5.90 -22.33
C GLU A 30 -12.47 5.89 -21.59
N SER A 31 -12.55 6.64 -20.49
CA SER A 31 -13.74 6.55 -19.64
C SER A 31 -14.91 7.26 -20.34
N PHE A 32 -14.66 8.43 -20.92
CA PHE A 32 -15.74 9.16 -21.58
C PHE A 32 -16.19 8.46 -22.86
N GLN A 33 -15.28 7.82 -23.59
CA GLN A 33 -15.76 7.00 -24.70
C GLN A 33 -16.70 5.89 -24.26
N ALA A 34 -16.42 5.22 -23.16
CA ALA A 34 -17.27 4.13 -22.68
C ALA A 34 -18.63 4.65 -22.19
N SER A 35 -18.62 5.81 -21.52
CA SER A 35 -19.85 6.37 -21.00
C SER A 35 -20.75 6.86 -22.13
N ASN A 36 -20.14 7.19 -23.29
CA ASN A 36 -20.83 7.76 -24.44
C ASN A 36 -21.72 6.75 -25.18
N HIS A 37 -21.67 5.48 -24.75
N HIS A 37 -21.64 5.48 -24.80
CA HIS A 37 -22.44 4.39 -25.33
CA HIS A 37 -22.37 4.44 -25.48
C HIS A 37 -23.91 4.68 -25.35
C HIS A 37 -23.89 4.62 -25.32
N ARG A 38 -24.36 5.46 -24.37
CA ARG A 38 -25.77 5.81 -24.31
C ARG A 38 -25.98 7.28 -24.54
N HIS A 39 -25.10 7.93 -25.30
CA HIS A 39 -25.33 9.31 -25.68
C HIS A 39 -25.04 9.62 -27.09
N GLY A 40 -23.91 9.14 -27.60
CA GLY A 40 -23.56 9.46 -28.99
C GLY A 40 -23.15 10.87 -29.25
N PHE A 41 -22.57 11.50 -28.23
CA PHE A 41 -22.03 12.84 -28.43
C PHE A 41 -20.71 12.75 -29.26
N GLU A 42 -20.36 13.82 -29.90
CA GLU A 42 -19.12 13.88 -30.66
C GLU A 42 -18.09 14.45 -29.71
N LEU A 43 -17.16 13.60 -29.36
CA LEU A 43 -16.13 13.89 -28.39
C LEU A 43 -14.77 14.19 -29.05
N HIS A 44 -14.25 15.35 -28.68
CA HIS A 44 -12.93 15.80 -29.12
C HIS A 44 -12.00 16.03 -27.92
N PHE A 45 -10.85 15.37 -27.99
CA PHE A 45 -9.90 15.37 -26.85
C PHE A 45 -8.62 16.14 -27.19
N GLN A 46 -8.50 17.33 -26.66
CA GLN A 46 -7.29 18.16 -26.84
C GLN A 46 -6.38 18.02 -25.60
N GLN A 47 -5.12 17.66 -25.81
CA GLN A 47 -4.19 17.57 -24.66
C GLN A 47 -3.89 18.92 -24.00
N ALA A 48 -3.85 19.97 -24.79
CA ALA A 48 -3.44 21.26 -24.28
C ALA A 48 -4.37 21.76 -23.22
N HIS A 49 -3.81 22.57 -22.34
CA HIS A 49 -4.55 23.27 -21.36
C HIS A 49 -5.41 24.34 -21.97
N LEU A 50 -6.55 24.55 -21.32
CA LEU A 50 -7.36 25.70 -21.65
C LEU A 50 -6.73 26.94 -21.02
N GLN A 51 -6.61 27.98 -21.83
CA GLN A 51 -6.10 29.29 -21.40
C GLN A 51 -6.46 30.29 -22.53
N ALA A 52 -6.16 31.56 -22.29
CA ALA A 52 -6.51 32.61 -23.24
C ALA A 52 -6.16 32.23 -24.69
N ASP A 53 -4.97 31.72 -24.90
CA ASP A 53 -4.48 31.51 -26.26
C ASP A 53 -4.82 30.13 -26.87
N THR A 54 -5.48 29.26 -26.11
CA THR A 54 -5.98 27.98 -26.66
C THR A 54 -7.53 27.93 -26.72
N ALA A 55 -8.20 28.94 -26.17
CA ALA A 55 -9.66 29.02 -26.18
C ALA A 55 -10.21 28.95 -27.61
N VAL A 56 -9.45 29.49 -28.55
CA VAL A 56 -9.80 29.50 -29.96
C VAL A 56 -10.08 28.08 -30.49
N LEU A 57 -9.47 27.06 -29.87
CA LEU A 57 -9.71 25.67 -30.25
C LEU A 57 -11.14 25.20 -30.01
N ALA A 58 -11.79 25.86 -29.07
CA ALA A 58 -13.20 25.63 -28.73
C ALA A 58 -14.17 26.37 -29.63
N GLN A 59 -13.63 26.88 -30.73
CA GLN A 59 -14.41 27.67 -31.64
C GLN A 59 -15.42 26.80 -32.30
N GLY A 60 -16.69 27.09 -32.10
CA GLY A 60 -17.70 26.27 -32.79
C GLY A 60 -18.14 25.07 -31.97
N PHE A 61 -17.59 24.87 -30.76
CA PHE A 61 -18.02 23.79 -29.85
C PHE A 61 -19.00 24.35 -28.84
N GLU A 62 -20.17 23.71 -28.77
CA GLU A 62 -21.20 24.18 -27.85
C GLU A 62 -20.98 23.77 -26.37
N VAL A 63 -20.19 22.71 -26.17
CA VAL A 63 -19.82 22.30 -24.81
C VAL A 63 -18.32 22.13 -24.72
N VAL A 64 -17.75 22.64 -23.62
CA VAL A 64 -16.34 22.48 -23.31
C VAL A 64 -16.22 21.73 -22.02
N CYS A 65 -15.40 20.69 -22.02
CA CYS A 65 -15.24 19.91 -20.81
C CYS A 65 -13.88 20.16 -20.24
N ALA A 66 -13.85 20.63 -18.99
CA ALA A 66 -12.60 21.11 -18.35
C ALA A 66 -12.26 20.37 -17.07
N PHE A 67 -10.96 20.36 -16.73
CA PHE A 67 -10.55 19.81 -15.47
C PHE A 67 -10.05 20.98 -14.62
N VAL A 68 -9.68 20.70 -13.37
CA VAL A 68 -9.39 21.81 -12.39
C VAL A 68 -8.19 22.67 -12.69
N ASN A 69 -7.33 22.21 -13.56
CA ASN A 69 -6.11 22.96 -13.87
C ASN A 69 -6.31 23.83 -15.10
N ASP A 70 -7.42 23.65 -15.80
CA ASP A 70 -7.72 24.50 -16.93
C ASP A 70 -8.05 25.95 -16.42
N ASP A 71 -7.72 26.95 -17.24
CA ASP A 71 -7.98 28.34 -16.88
C ASP A 71 -9.39 28.79 -17.34
N LEU A 72 -10.32 28.95 -16.39
CA LEU A 72 -11.65 29.46 -16.62
C LEU A 72 -11.91 30.82 -15.90
N SER A 73 -10.91 31.69 -16.01
CA SER A 73 -11.06 33.09 -15.54
C SER A 73 -11.90 33.85 -16.61
N ARG A 74 -12.34 35.05 -16.25
CA ARG A 74 -13.22 35.84 -17.13
C ARG A 74 -12.71 35.93 -18.59
N PRO A 75 -11.42 36.29 -18.80
CA PRO A 75 -11.01 36.41 -20.22
C PRO A 75 -11.23 35.16 -21.05
N VAL A 76 -11.01 33.99 -20.43
CA VAL A 76 -11.21 32.74 -21.14
C VAL A 76 -12.69 32.46 -21.40
N LEU A 77 -13.53 32.67 -20.40
CA LEU A 77 -14.99 32.49 -20.54
C LEU A 77 -15.59 33.35 -21.64
N GLU A 78 -15.18 34.60 -21.57
CA GLU A 78 -15.69 35.53 -22.52
C GLU A 78 -15.34 35.22 -23.97
N ARG A 79 -14.19 34.61 -24.16
CA ARG A 79 -13.76 34.12 -25.46
C ARG A 79 -14.55 32.85 -25.95
N LEU A 80 -14.76 31.92 -25.03
CA LEU A 80 -15.59 30.74 -25.28
C LEU A 80 -17.01 31.10 -25.69
N ALA A 81 -17.60 32.07 -24.99
CA ALA A 81 -18.97 32.50 -25.25
C ALA A 81 -19.09 33.12 -26.64
N ALA A 82 -18.17 34.05 -26.94
CA ALA A 82 -18.02 34.64 -28.28
C ALA A 82 -17.82 33.58 -29.36
N GLY A 83 -17.07 32.53 -29.03
CA GLY A 83 -16.86 31.43 -29.96
C GLY A 83 -17.99 30.41 -30.04
N GLY A 84 -19.07 30.62 -29.28
CA GLY A 84 -20.30 29.82 -29.41
C GLY A 84 -20.44 28.67 -28.43
N THR A 85 -19.61 28.70 -27.39
CA THR A 85 -19.70 27.70 -26.34
C THR A 85 -20.83 28.10 -25.42
N ARG A 86 -21.71 27.17 -25.10
CA ARG A 86 -22.92 27.46 -24.33
C ARG A 86 -22.96 26.74 -22.99
N LEU A 87 -22.05 25.75 -22.76
CA LEU A 87 -21.98 25.06 -21.49
C LEU A 87 -20.52 24.67 -21.17
N VAL A 88 -20.11 24.90 -19.90
CA VAL A 88 -18.81 24.47 -19.37
C VAL A 88 -19.11 23.31 -18.45
N ALA A 89 -18.61 22.10 -18.81
CA ALA A 89 -18.81 20.90 -17.97
C ALA A 89 -17.50 20.55 -17.34
N LEU A 90 -17.44 20.53 -16.02
CA LEU A 90 -16.21 20.23 -15.30
C LEU A 90 -16.23 18.75 -14.95
N ARG A 91 -15.19 18.06 -15.34
CA ARG A 91 -15.06 16.65 -14.98
C ARG A 91 -14.31 16.53 -13.66
N SER A 92 -14.86 17.22 -12.67
CA SER A 92 -14.24 17.38 -11.32
C SER A 92 -15.32 17.81 -10.37
N ALA A 93 -15.06 17.62 -9.09
CA ALA A 93 -15.92 18.19 -8.08
C ALA A 93 -15.49 19.67 -7.86
N GLY A 94 -14.20 19.93 -7.87
CA GLY A 94 -13.69 21.27 -7.54
C GLY A 94 -13.82 22.20 -8.73
N TYR A 95 -13.80 23.51 -8.44
CA TYR A 95 -14.02 24.55 -9.48
C TYR A 95 -13.36 25.91 -9.16
N ASN A 96 -12.22 25.88 -8.48
CA ASN A 96 -11.54 27.07 -8.02
C ASN A 96 -11.01 27.91 -9.14
N HIS A 97 -10.79 27.24 -10.27
CA HIS A 97 -10.29 27.87 -11.45
C HIS A 97 -11.32 28.53 -12.29
N VAL A 98 -12.56 28.52 -11.82
CA VAL A 98 -13.67 29.10 -12.59
C VAL A 98 -14.06 30.44 -11.99
N ASP A 99 -14.06 31.49 -12.77
CA ASP A 99 -14.69 32.74 -12.31
C ASP A 99 -16.20 32.59 -12.47
N LEU A 100 -16.90 32.20 -11.41
CA LEU A 100 -18.34 31.88 -11.48
C LEU A 100 -19.22 33.07 -11.70
N ALA A 101 -18.85 34.19 -11.08
CA ALA A 101 -19.54 35.43 -11.29
C ALA A 101 -19.50 35.75 -12.78
N ALA A 102 -18.30 35.75 -13.38
CA ALA A 102 -18.15 36.09 -14.79
C ALA A 102 -18.99 35.13 -15.70
N ALA A 103 -19.03 33.85 -15.32
CA ALA A 103 -19.84 32.88 -16.10
C ALA A 103 -21.34 33.16 -16.02
N GLU A 104 -21.81 33.51 -14.83
CA GLU A 104 -23.23 33.82 -14.63
C GLU A 104 -23.58 35.08 -15.40
N ALA A 105 -22.74 36.10 -15.25
CA ALA A 105 -22.89 37.33 -16.03
C ALA A 105 -23.02 37.03 -17.52
N LEU A 106 -22.26 36.05 -18.01
CA LEU A 106 -22.28 35.73 -19.43
C LEU A 106 -23.40 34.74 -19.78
N GLY A 107 -24.16 34.26 -18.80
CA GLY A 107 -25.17 33.22 -19.04
C GLY A 107 -24.57 31.87 -19.51
N LEU A 108 -23.38 31.54 -19.03
CA LEU A 108 -22.62 30.37 -19.46
C LEU A 108 -22.65 29.46 -18.24
N PRO A 109 -23.59 28.52 -18.20
CA PRO A 109 -23.75 27.67 -17.03
C PRO A 109 -22.55 26.72 -16.83
N VAL A 110 -22.34 26.30 -15.57
CA VAL A 110 -21.17 25.51 -15.16
C VAL A 110 -21.66 24.35 -14.36
N VAL A 111 -21.37 23.12 -14.85
CA VAL A 111 -21.83 21.91 -14.15
C VAL A 111 -20.61 21.08 -13.71
N HIS A 112 -20.81 20.23 -12.73
CA HIS A 112 -19.71 19.50 -12.14
C HIS A 112 -20.16 18.19 -11.61
N VAL A 113 -19.17 17.44 -11.13
CA VAL A 113 -19.43 16.22 -10.44
C VAL A 113 -19.54 16.46 -8.93
N PRO A 114 -20.66 16.04 -8.31
CA PRO A 114 -20.86 16.46 -6.91
C PRO A 114 -19.86 15.86 -5.95
N ALA A 115 -19.47 14.60 -6.14
CA ALA A 115 -18.64 13.87 -5.16
C ALA A 115 -17.93 12.77 -5.87
N TYR A 116 -16.75 12.38 -5.39
CA TYR A 116 -16.05 11.23 -5.92
C TYR A 116 -16.45 9.95 -5.19
N SER A 117 -16.29 8.82 -5.88
CA SER A 117 -16.41 7.47 -5.35
C SER A 117 -15.73 7.28 -3.97
N PRO A 118 -16.55 6.94 -2.95
CA PRO A 118 -16.01 6.88 -1.63
C PRO A 118 -15.12 5.68 -1.46
N HIS A 119 -15.42 4.54 -2.08
CA HIS A 119 -14.52 3.45 -2.03
C HIS A 119 -13.12 3.74 -2.69
N ALA A 120 -13.10 4.45 -3.81
CA ALA A 120 -11.82 4.73 -4.48
C ALA A 120 -10.93 5.58 -3.53
N VAL A 121 -11.52 6.63 -2.95
CA VAL A 121 -10.81 7.61 -2.17
C VAL A 121 -10.39 7.00 -0.83
N ALA A 122 -11.27 6.25 -0.17
CA ALA A 122 -10.91 5.65 1.12
C ALA A 122 -9.85 4.58 0.93
N GLU A 123 -9.99 3.75 -0.14
CA GLU A 123 -8.98 2.75 -0.38
C GLU A 123 -7.59 3.38 -0.64
N HIS A 124 -7.57 4.51 -1.28
CA HIS A 124 -6.32 5.22 -1.53
C HIS A 124 -5.70 5.65 -0.23
N ALA A 125 -6.51 6.20 0.69
CA ALA A 125 -6.03 6.60 1.99
C ALA A 125 -5.42 5.38 2.72
N VAL A 126 -6.05 4.21 2.65
CA VAL A 126 -5.51 3.01 3.31
C VAL A 126 -4.21 2.60 2.63
N GLY A 127 -4.14 2.73 1.30
CA GLY A 127 -2.88 2.44 0.64
C GLY A 127 -1.72 3.32 1.06
N LEU A 128 -1.99 4.60 1.28
CA LEU A 128 -1.01 5.54 1.71
C LEU A 128 -0.55 5.07 3.12
N ILE A 129 -1.50 4.68 3.94
CA ILE A 129 -1.15 4.16 5.28
C ILE A 129 -0.16 3.00 5.22
N LEU A 130 -0.50 2.00 4.42
CA LEU A 130 0.27 0.85 4.40
C LEU A 130 1.63 1.12 3.79
N THR A 131 1.70 1.92 2.71
CA THR A 131 2.97 2.19 2.13
C THR A 131 3.92 2.91 3.04
N LEU A 132 3.39 3.85 3.81
CA LEU A 132 4.21 4.57 4.82
C LEU A 132 4.63 3.64 5.95
N ASN A 133 3.71 2.84 6.45
CA ASN A 133 3.96 1.94 7.59
C ASN A 133 5.05 0.96 7.23
N ARG A 134 4.84 0.27 6.13
CA ARG A 134 5.75 -0.78 5.74
C ARG A 134 6.88 -0.32 4.83
N ARG A 135 6.92 0.99 4.59
CA ARG A 135 7.97 1.58 3.77
C ARG A 135 8.09 0.93 2.41
N LEU A 136 6.95 0.65 1.82
CA LEU A 136 6.91 -0.11 0.61
C LEU A 136 7.55 0.62 -0.63
N HIS A 137 7.44 1.92 -0.63
CA HIS A 137 8.03 2.73 -1.65
C HIS A 137 9.54 2.67 -1.57
N ARG A 138 10.06 2.74 -0.37
CA ARG A 138 11.51 2.59 -0.10
C ARG A 138 12.01 1.19 -0.41
N ALA A 139 11.26 0.19 0.01
CA ALA A 139 11.56 -1.19 -0.31
C ALA A 139 11.66 -1.45 -1.77
N TYR A 140 10.66 -1.00 -2.52
CA TYR A 140 10.63 -1.17 -3.96
C TYR A 140 11.93 -0.65 -4.56
N ASN A 141 12.29 0.58 -4.20
CA ASN A 141 13.49 1.20 -4.80
C ASN A 141 14.79 0.48 -4.39
N ARG A 142 14.84 -0.13 -3.23
CA ARG A 142 15.95 -1.04 -2.91
C ARG A 142 15.97 -2.30 -3.75
N THR A 143 14.90 -3.06 -3.72
CA THR A 143 14.90 -4.32 -4.37
C THR A 143 15.09 -4.26 -5.86
N ARG A 144 14.54 -3.22 -6.47
CA ARG A 144 14.71 -3.03 -7.89
C ARG A 144 16.18 -2.94 -8.26
N GLU A 145 17.01 -2.42 -7.36
CA GLU A 145 18.42 -2.30 -7.61
C GLU A 145 19.27 -3.44 -6.95
N GLY A 146 18.61 -4.46 -6.46
CA GLY A 146 19.33 -5.60 -5.81
C GLY A 146 19.74 -5.36 -4.40
N ASP A 147 19.17 -4.35 -3.74
CA ASP A 147 19.38 -4.16 -2.32
C ASP A 147 18.22 -4.84 -1.59
N PHE A 148 18.54 -6.02 -1.02
CA PHE A 148 17.54 -6.81 -0.32
C PHE A 148 17.70 -6.69 1.20
N SER A 149 18.38 -5.65 1.65
CA SER A 149 18.58 -5.38 3.05
C SER A 149 17.39 -4.64 3.63
N LEU A 150 17.10 -4.89 4.89
CA LEU A 150 15.84 -4.48 5.51
C LEU A 150 15.97 -3.39 6.56
N HIS A 151 17.19 -2.92 6.82
CA HIS A 151 17.39 -1.87 7.84
C HIS A 151 16.46 -0.68 7.58
N GLY A 152 15.89 -0.16 8.65
CA GLY A 152 15.01 1.01 8.55
C GLY A 152 13.58 0.77 8.01
N LEU A 153 13.25 -0.45 7.62
CA LEU A 153 11.95 -0.69 6.98
C LEU A 153 10.91 -1.24 7.97
N THR A 154 11.28 -1.36 9.25
CA THR A 154 10.38 -1.96 10.23
C THR A 154 9.19 -1.10 10.44
N GLY A 155 8.00 -1.69 10.32
CA GLY A 155 6.73 -1.02 10.55
C GLY A 155 6.06 -1.41 11.85
N PHE A 156 4.74 -1.30 11.88
CA PHE A 156 3.92 -1.58 13.02
C PHE A 156 2.64 -2.24 12.58
N ASP A 157 2.14 -3.17 13.40
CA ASP A 157 0.84 -3.76 13.12
C ASP A 157 -0.24 -2.69 13.22
N LEU A 158 -1.17 -2.74 12.29
CA LEU A 158 -2.34 -1.89 12.34
C LEU A 158 -3.34 -2.41 13.37
N HIS A 159 -3.43 -3.74 13.42
CA HIS A 159 -4.30 -4.38 14.43
C HIS A 159 -4.06 -3.79 15.81
N GLY A 160 -5.12 -3.31 16.45
CA GLY A 160 -4.98 -2.81 17.84
C GLY A 160 -4.75 -1.29 17.91
N LYS A 161 -4.29 -0.69 16.79
CA LYS A 161 -3.99 0.73 16.86
C LYS A 161 -5.25 1.58 16.85
N ARG A 162 -5.13 2.78 17.39
CA ARG A 162 -6.17 3.78 17.39
C ARG A 162 -6.11 4.62 16.12
N VAL A 163 -7.22 4.65 15.40
CA VAL A 163 -7.32 5.38 14.13
C VAL A 163 -8.39 6.42 14.28
N GLY A 164 -7.99 7.68 14.13
CA GLY A 164 -8.91 8.79 14.26
C GLY A 164 -9.39 9.30 12.91
N VAL A 165 -10.69 9.25 12.73
CA VAL A 165 -11.35 9.75 11.54
C VAL A 165 -11.97 11.10 11.79
N ILE A 166 -11.45 12.10 11.09
CA ILE A 166 -11.98 13.39 11.19
C ILE A 166 -12.89 13.68 10.01
N GLY A 167 -14.20 13.68 10.27
CA GLY A 167 -15.24 13.85 9.25
C GLY A 167 -15.77 12.52 8.88
N THR A 168 -17.03 12.27 9.20
CA THR A 168 -17.61 10.95 9.02
C THR A 168 -18.76 10.97 8.02
N GLY A 169 -18.61 11.83 7.02
CA GLY A 169 -19.37 11.72 5.77
C GLY A 169 -19.14 10.39 5.08
N GLN A 170 -19.64 10.28 3.84
CA GLN A 170 -19.50 9.10 3.08
C GLN A 170 -18.06 8.53 2.98
N ILE A 171 -17.08 9.38 2.71
CA ILE A 171 -15.69 8.84 2.54
C ILE A 171 -15.09 8.43 3.89
N GLY A 172 -15.31 9.27 4.88
CA GLY A 172 -14.81 8.99 6.25
C GLY A 172 -15.38 7.75 6.84
N GLU A 173 -16.64 7.51 6.55
CA GLU A 173 -17.32 6.28 6.98
C GLU A 173 -16.79 5.05 6.28
N THR A 174 -16.57 5.17 4.98
CA THR A 174 -16.05 4.08 4.21
C THR A 174 -14.63 3.73 4.70
N PHE A 175 -13.83 4.76 4.89
CA PHE A 175 -12.47 4.61 5.47
C PHE A 175 -12.56 3.91 6.85
N ALA A 176 -13.49 4.39 7.68
CA ALA A 176 -13.64 3.78 9.03
C ALA A 176 -13.95 2.30 8.97
N ARG A 177 -14.83 1.87 8.08
CA ARG A 177 -15.20 0.42 7.95
C ARG A 177 -14.00 -0.39 7.57
N ILE A 178 -13.23 0.10 6.59
CA ILE A 178 -12.07 -0.62 6.19
C ILE A 178 -11.15 -0.77 7.39
N MET A 179 -10.86 0.33 8.10
CA MET A 179 -9.86 0.25 9.17
C MET A 179 -10.33 -0.63 10.36
N ALA A 180 -11.63 -0.64 10.56
CA ALA A 180 -12.23 -1.58 11.56
C ALA A 180 -11.95 -3.02 11.20
N GLY A 181 -11.92 -3.34 9.91
CA GLY A 181 -11.63 -4.73 9.47
C GLY A 181 -10.23 -5.17 9.71
N PHE A 182 -9.30 -4.22 9.86
CA PHE A 182 -7.95 -4.51 10.26
C PHE A 182 -7.87 -4.78 11.78
N GLY A 183 -8.97 -4.57 12.52
CA GLY A 183 -8.92 -4.73 14.00
C GLY A 183 -8.36 -3.48 14.68
N CYS A 184 -8.50 -2.32 14.01
CA CYS A 184 -8.14 -1.06 14.61
C CYS A 184 -9.24 -0.63 15.57
N GLU A 185 -8.84 0.22 16.54
CA GLU A 185 -9.80 0.85 17.43
C GLU A 185 -10.12 2.19 16.84
N LEU A 186 -11.39 2.39 16.49
CA LEU A 186 -11.82 3.59 15.74
C LEU A 186 -12.30 4.73 16.61
N LEU A 187 -11.69 5.90 16.43
CA LEU A 187 -12.09 7.16 17.02
C LEU A 187 -12.60 8.09 15.93
N ALA A 188 -13.55 8.95 16.26
CA ALA A 188 -14.15 9.81 15.28
C ALA A 188 -14.50 11.16 15.80
N TYR A 189 -14.37 12.14 14.94
CA TYR A 189 -14.86 13.46 15.23
C TYR A 189 -15.73 13.94 14.07
N ASP A 190 -16.94 14.38 14.37
CA ASP A 190 -17.76 15.07 13.37
C ASP A 190 -18.72 16.00 14.14
N PRO A 191 -18.93 17.21 13.64
CA PRO A 191 -19.98 17.99 14.26
C PRO A 191 -21.34 17.25 14.34
N TYR A 192 -21.70 16.46 13.33
CA TYR A 192 -22.93 15.67 13.33
C TYR A 192 -22.69 14.17 13.27
N PRO A 193 -22.36 13.54 14.41
CA PRO A 193 -22.06 12.11 14.48
C PRO A 193 -23.12 11.29 13.90
N ASN A 194 -22.79 10.12 13.38
CA ASN A 194 -23.80 9.18 12.93
C ASN A 194 -23.68 7.77 13.52
N PRO A 195 -24.79 6.99 13.48
CA PRO A 195 -24.83 5.69 14.16
C PRO A 195 -24.13 4.59 13.41
N ARG A 196 -23.88 4.80 12.14
CA ARG A 196 -23.17 3.77 11.40
C ARG A 196 -21.74 3.62 11.92
N ILE A 197 -21.12 4.76 12.23
CA ILE A 197 -19.76 4.76 12.82
C ILE A 197 -19.78 3.96 14.12
N GLN A 198 -20.81 4.21 14.92
CA GLN A 198 -21.00 3.50 16.15
C GLN A 198 -21.07 2.00 15.91
N ALA A 199 -21.92 1.59 14.97
CA ALA A 199 -22.11 0.16 14.68
C ALA A 199 -20.79 -0.50 14.32
N LEU A 200 -19.87 0.24 13.67
CA LEU A 200 -18.52 -0.31 13.38
C LEU A 200 -17.66 -0.49 14.61
N GLY A 201 -18.09 0.01 15.77
CA GLY A 201 -17.28 -0.02 16.96
C GLY A 201 -16.62 1.33 17.20
N GLY A 202 -16.98 2.34 16.44
CA GLY A 202 -16.35 3.65 16.55
C GLY A 202 -16.82 4.48 17.77
N ARG A 203 -15.91 5.18 18.38
CA ARG A 203 -16.18 6.12 19.48
C ARG A 203 -16.04 7.58 19.06
N TYR A 204 -17.09 8.39 19.19
CA TYR A 204 -16.95 9.83 18.97
C TYR A 204 -16.39 10.53 20.18
N LEU A 205 -15.57 11.54 19.95
CA LEU A 205 -14.98 12.32 21.01
C LEU A 205 -14.57 13.67 20.48
N ALA A 206 -14.14 14.58 21.38
CA ALA A 206 -13.66 15.89 20.98
C ALA A 206 -12.44 15.78 20.01
N LEU A 207 -12.33 16.75 19.12
CA LEU A 207 -11.28 16.78 18.08
C LEU A 207 -9.89 16.74 18.70
N ASP A 208 -9.66 17.58 19.69
CA ASP A 208 -8.40 17.60 20.40
C ASP A 208 -8.08 16.28 21.13
N ALA A 209 -9.08 15.61 21.65
CA ALA A 209 -8.90 14.29 22.32
C ALA A 209 -8.60 13.21 21.29
N LEU A 210 -9.31 13.28 20.15
CA LEU A 210 -8.99 12.36 19.02
C LEU A 210 -7.53 12.48 18.65
N LEU A 211 -7.05 13.69 18.52
CA LEU A 211 -5.72 13.94 18.07
C LEU A 211 -4.66 13.46 19.08
N ALA A 212 -4.92 13.71 20.37
CA ALA A 212 -3.99 13.21 21.38
C ALA A 212 -3.93 11.69 21.46
N GLU A 213 -5.01 11.00 21.20
CA GLU A 213 -5.09 9.54 21.43
C GLU A 213 -4.69 8.69 20.20
N SER A 214 -4.76 9.30 18.99
CA SER A 214 -4.77 8.48 17.77
C SER A 214 -3.35 8.16 17.34
N ASP A 215 -3.13 6.94 16.84
CA ASP A 215 -1.87 6.54 16.26
C ASP A 215 -1.85 6.97 14.77
N ILE A 216 -3.02 7.01 14.20
CA ILE A 216 -3.20 7.42 12.78
C ILE A 216 -4.38 8.32 12.71
N VAL A 217 -4.24 9.47 12.06
CA VAL A 217 -5.31 10.39 11.93
C VAL A 217 -5.57 10.58 10.43
N SER A 218 -6.81 10.53 9.99
CA SER A 218 -7.10 10.72 8.59
C SER A 218 -8.15 11.77 8.42
N LEU A 219 -7.92 12.74 7.53
CA LEU A 219 -8.86 13.82 7.31
C LEU A 219 -9.85 13.53 6.21
N HIS A 220 -11.13 13.69 6.53
CA HIS A 220 -12.20 13.55 5.55
C HIS A 220 -13.30 14.57 5.65
N CYS A 221 -13.09 15.67 6.35
CA CYS A 221 -14.16 16.63 6.53
C CYS A 221 -14.14 17.62 5.38
N PRO A 222 -15.34 18.19 5.06
CA PRO A 222 -15.43 19.30 4.12
C PRO A 222 -14.60 20.51 4.54
N LEU A 223 -14.08 21.23 3.53
CA LEU A 223 -13.35 22.48 3.78
C LEU A 223 -14.36 23.64 3.88
N THR A 224 -14.27 24.39 4.96
CA THR A 224 -15.17 25.49 5.23
C THR A 224 -14.34 26.44 6.02
N ALA A 225 -14.90 27.59 6.36
CA ALA A 225 -14.16 28.57 7.14
C ALA A 225 -13.71 27.96 8.45
N ASP A 226 -14.53 27.09 9.03
CA ASP A 226 -14.23 26.43 10.30
C ASP A 226 -13.12 25.36 10.24
N THR A 227 -12.98 24.68 9.11
CA THR A 227 -12.01 23.59 8.99
C THR A 227 -10.75 24.01 8.25
N ARG A 228 -10.68 25.28 7.88
CA ARG A 228 -9.56 25.77 7.18
C ARG A 228 -8.39 25.77 8.13
N HIS A 229 -7.30 25.15 7.70
CA HIS A 229 -6.12 24.96 8.58
C HIS A 229 -6.46 24.29 9.92
N LEU A 230 -7.40 23.36 9.86
CA LEU A 230 -7.76 22.59 11.03
C LEU A 230 -6.50 21.99 11.67
N ILE A 231 -5.65 21.38 10.85
CA ILE A 231 -4.38 20.93 11.35
C ILE A 231 -3.36 22.01 11.17
N ASP A 232 -3.10 22.76 12.24
CA ASP A 232 -2.13 23.83 12.22
C ASP A 232 -1.05 23.43 13.23
N ALA A 233 -0.14 24.29 13.53
CA ALA A 233 1.03 23.92 14.36
C ALA A 233 0.62 23.43 15.78
N GLN A 234 -0.39 24.12 16.34
CA GLN A 234 -0.94 23.77 17.68
C GLN A 234 -1.59 22.42 17.67
N ARG A 235 -2.37 22.13 16.63
CA ARG A 235 -3.01 20.80 16.55
C ARG A 235 -1.95 19.70 16.33
N LEU A 236 -0.95 19.98 15.49
CA LEU A 236 0.15 19.04 15.32
C LEU A 236 0.84 18.75 16.66
N ALA A 237 1.06 19.78 17.48
CA ALA A 237 1.67 19.53 18.78
C ALA A 237 0.77 18.71 19.76
N THR A 238 -0.55 18.81 19.60
CA THR A 238 -1.53 18.08 20.42
C THR A 238 -1.47 16.58 20.02
N MET A 239 -1.14 16.26 18.76
CA MET A 239 -1.09 14.87 18.31
C MET A 239 -0.07 14.06 19.13
N LYS A 240 -0.27 12.75 19.12
CA LYS A 240 0.66 11.80 19.72
C LYS A 240 2.00 11.80 19.03
N PRO A 241 3.10 11.97 19.79
CA PRO A 241 4.40 11.97 19.16
C PRO A 241 4.60 10.73 18.31
N GLY A 242 5.03 10.93 17.07
CA GLY A 242 5.27 9.79 16.20
C GLY A 242 4.09 9.34 15.37
N ALA A 243 2.96 10.03 15.48
CA ALA A 243 1.76 9.61 14.88
C ALA A 243 1.86 9.82 13.34
N MET A 244 0.97 9.14 12.63
CA MET A 244 0.79 9.23 11.17
C MET A 244 -0.38 10.12 10.86
N LEU A 245 -0.19 11.07 9.93
CA LEU A 245 -1.31 11.89 9.43
C LEU A 245 -1.57 11.63 7.92
N ILE A 246 -2.83 11.44 7.58
CA ILE A 246 -3.25 11.24 6.16
C ILE A 246 -4.23 12.34 5.77
N ASN A 247 -3.96 13.03 4.66
CA ASN A 247 -4.92 14.03 4.14
C ASN A 247 -5.26 13.74 2.68
N THR A 248 -6.35 13.04 2.52
CA THR A 248 -6.97 12.89 1.22
C THR A 248 -8.17 13.81 1.04
N GLY A 249 -8.38 14.79 1.94
CA GLY A 249 -9.63 15.57 1.91
C GLY A 249 -9.49 16.80 1.04
N ARG A 250 -8.79 17.78 1.54
CA ARG A 250 -8.63 18.99 0.84
C ARG A 250 -7.36 19.68 1.32
N GLY A 251 -6.58 20.27 0.41
CA GLY A 251 -5.29 20.81 0.79
C GLY A 251 -5.34 21.80 1.97
N ALA A 252 -6.36 22.67 1.96
CA ALA A 252 -6.42 23.76 2.90
C ALA A 252 -6.90 23.29 4.31
N LEU A 253 -7.12 22.01 4.52
CA LEU A 253 -7.38 21.46 5.82
C LEU A 253 -6.15 21.50 6.71
N VAL A 254 -4.97 21.60 6.10
CA VAL A 254 -3.70 21.50 6.78
C VAL A 254 -2.90 22.75 6.48
N ASN A 255 -2.12 23.21 7.44
CA ASN A 255 -1.13 24.23 7.24
C ASN A 255 0.20 23.57 6.95
N ALA A 256 0.47 23.36 5.66
CA ALA A 256 1.64 22.53 5.23
C ALA A 256 2.93 23.01 5.80
N ALA A 257 3.04 24.33 5.89
CA ALA A 257 4.24 24.91 6.44
C ALA A 257 4.53 24.43 7.85
N ALA A 258 3.48 24.25 8.66
CA ALA A 258 3.69 23.71 10.06
C ALA A 258 4.16 22.21 10.06
N LEU A 259 3.84 21.50 9.03
CA LEU A 259 4.15 20.05 8.98
C LEU A 259 5.62 19.84 8.95
N ILE A 260 6.35 20.79 8.39
CA ILE A 260 7.81 20.67 8.24
C ILE A 260 8.54 20.54 9.53
N GLU A 261 8.28 21.47 10.46
CA GLU A 261 9.00 21.42 11.69
C GLU A 261 8.62 20.20 12.52
N ALA A 262 7.36 19.78 12.41
CA ALA A 262 6.87 18.59 13.08
C ALA A 262 7.51 17.34 12.56
N LEU A 263 7.69 17.27 11.24
CA LEU A 263 8.44 16.17 10.66
C LEU A 263 9.91 16.22 11.05
N LYS A 264 10.51 17.38 11.04
CA LYS A 264 11.95 17.45 11.39
C LYS A 264 12.23 16.97 12.81
N SER A 265 11.31 17.29 13.72
CA SER A 265 11.53 16.95 15.14
C SER A 265 11.16 15.53 15.44
N GLY A 266 10.40 14.89 14.56
CA GLY A 266 9.91 13.59 14.87
C GLY A 266 8.58 13.61 15.58
N GLN A 267 8.05 14.78 15.89
CA GLN A 267 6.73 14.87 16.48
C GLN A 267 5.70 14.19 15.56
N LEU A 268 5.74 14.49 14.27
CA LEU A 268 4.93 13.79 13.24
C LEU A 268 5.77 12.69 12.65
N GLY A 269 5.37 11.44 12.85
CA GLY A 269 6.12 10.25 12.47
C GLY A 269 5.98 9.95 10.92
N TYR A 270 4.84 10.23 10.36
CA TYR A 270 4.52 9.90 8.98
C TYR A 270 3.52 10.88 8.40
N LEU A 271 3.63 11.12 7.11
CA LEU A 271 2.66 11.91 6.43
C LEU A 271 2.31 11.36 5.04
N GLY A 272 1.03 11.21 4.78
CA GLY A 272 0.51 10.83 3.41
C GLY A 272 -0.40 11.91 2.93
N LEU A 273 -0.10 12.58 1.81
CA LEU A 273 -0.95 13.59 1.26
C LEU A 273 -1.42 13.16 -0.17
N ASP A 274 -2.69 13.32 -0.45
CA ASP A 274 -3.19 13.27 -1.82
C ASP A 274 -3.61 14.63 -2.33
N VAL A 275 -3.58 15.63 -1.46
CA VAL A 275 -4.05 16.98 -1.77
C VAL A 275 -3.12 17.96 -1.11
N TYR A 276 -3.09 19.16 -1.66
CA TYR A 276 -2.19 20.22 -1.25
C TYR A 276 -2.81 21.57 -1.60
N GLU A 277 -2.64 22.55 -0.71
CA GLU A 277 -3.38 23.80 -0.82
C GLU A 277 -2.90 24.49 -2.13
N GLU A 278 -3.79 24.96 -2.97
CA GLU A 278 -3.40 25.42 -4.31
C GLU A 278 -2.73 24.37 -5.29
N GLU A 279 -2.85 23.08 -5.02
CA GLU A 279 -2.54 21.98 -5.97
C GLU A 279 -3.02 22.23 -7.44
N ALA A 280 -4.12 22.96 -7.67
CA ALA A 280 -4.56 23.17 -9.07
C ALA A 280 -3.44 23.88 -9.94
N ASP A 281 -2.55 24.63 -9.31
CA ASP A 281 -1.37 25.22 -9.93
C ASP A 281 -0.13 24.35 -10.08
N ILE A 282 -0.12 23.17 -9.47
CA ILE A 282 1.08 22.38 -9.33
C ILE A 282 0.82 20.98 -9.91
N PHE A 283 -0.27 20.37 -9.45
CA PHE A 283 -0.56 19.01 -9.79
C PHE A 283 -1.05 18.84 -11.24
N PHE A 284 -1.10 17.59 -11.65
CA PHE A 284 -1.61 17.16 -12.93
C PHE A 284 -0.73 17.54 -14.09
N GLU A 285 0.55 17.86 -13.85
CA GLU A 285 1.48 18.20 -14.92
C GLU A 285 2.82 17.60 -14.51
N ASP A 286 3.60 17.20 -15.47
CA ASP A 286 5.00 16.81 -15.19
C ASP A 286 5.83 18.05 -15.13
N ARG A 287 6.14 18.47 -13.95
CA ARG A 287 7.02 19.65 -13.76
C ARG A 287 8.48 19.29 -13.45
N SER A 288 8.90 18.10 -13.86
CA SER A 288 10.15 17.58 -13.29
C SER A 288 11.38 18.29 -13.98
N ASP A 289 11.18 18.95 -15.11
CA ASP A 289 12.25 19.53 -15.91
C ASP A 289 12.69 20.87 -15.30
N GLN A 290 11.94 21.40 -14.36
CA GLN A 290 12.18 22.72 -13.83
C GLN A 290 12.26 22.73 -12.32
N PRO A 291 12.99 23.72 -11.72
CA PRO A 291 12.99 23.82 -10.27
C PRO A 291 11.56 23.95 -9.80
N LEU A 292 11.28 23.36 -8.67
CA LEU A 292 9.99 23.53 -8.02
C LEU A 292 10.09 24.78 -7.21
N GLN A 293 9.18 25.72 -7.44
CA GLN A 293 9.27 27.05 -6.81
C GLN A 293 8.83 26.99 -5.39
N ASP A 294 7.88 26.11 -5.07
CA ASP A 294 7.32 26.02 -3.72
C ASP A 294 8.22 25.36 -2.68
N ASP A 295 8.78 26.16 -1.79
CA ASP A 295 9.75 25.68 -0.85
C ASP A 295 9.20 24.61 0.12
N VAL A 296 7.95 24.82 0.52
CA VAL A 296 7.28 23.96 1.47
C VAL A 296 7.04 22.59 0.82
N LEU A 297 6.36 22.58 -0.33
CA LEU A 297 6.20 21.29 -1.02
C LEU A 297 7.54 20.61 -1.33
N ALA A 298 8.54 21.35 -1.79
CA ALA A 298 9.85 20.73 -2.07
C ALA A 298 10.48 20.04 -0.84
N ARG A 299 10.31 20.67 0.33
CA ARG A 299 10.79 20.11 1.54
C ARG A 299 10.02 18.86 1.93
N LEU A 300 8.71 18.91 1.77
CA LEU A 300 7.89 17.77 2.14
C LEU A 300 8.26 16.55 1.31
N LEU A 301 8.44 16.78 0.01
CA LEU A 301 8.77 15.71 -0.93
C LEU A 301 10.02 14.96 -0.56
N SER A 302 10.96 15.57 0.09
CA SER A 302 12.15 14.83 0.26
C SER A 302 12.34 14.16 1.61
N PHE A 303 11.36 14.21 2.51
CA PHE A 303 11.44 13.43 3.72
C PHE A 303 11.24 11.92 3.37
N PRO A 304 11.86 11.04 4.13
CA PRO A 304 11.76 9.62 3.91
C PRO A 304 10.42 9.02 4.36
N ASN A 305 9.68 9.74 5.20
CA ASN A 305 8.45 9.27 5.82
C ASN A 305 7.28 10.11 5.34
N VAL A 306 7.38 10.67 4.11
CA VAL A 306 6.29 11.38 3.49
C VAL A 306 6.07 10.78 2.08
N VAL A 307 4.83 10.47 1.78
CA VAL A 307 4.43 10.11 0.44
C VAL A 307 3.36 11.09 -0.01
N VAL A 308 3.53 11.69 -1.20
CA VAL A 308 2.57 12.56 -1.84
C VAL A 308 2.10 11.95 -3.14
N THR A 309 0.79 11.82 -3.31
CA THR A 309 0.24 11.46 -4.59
C THR A 309 -0.49 12.68 -5.10
N ALA A 310 -0.59 12.82 -6.43
CA ALA A 310 -1.05 14.11 -7.02
C ALA A 310 -2.55 14.13 -7.33
N HIS A 311 -3.32 14.13 -6.26
CA HIS A 311 -4.75 14.02 -6.32
C HIS A 311 -5.19 12.91 -7.24
N GLN A 312 -4.78 11.76 -6.84
CA GLN A 312 -4.93 10.48 -7.48
C GLN A 312 -5.99 9.59 -6.79
N ALA A 313 -6.64 10.05 -5.72
CA ALA A 313 -7.43 9.17 -4.87
C ALA A 313 -8.70 8.68 -5.58
N PHE A 314 -9.20 9.45 -6.54
CA PHE A 314 -10.32 9.00 -7.38
C PHE A 314 -9.94 8.31 -8.69
N LEU A 315 -8.63 8.04 -8.85
CA LEU A 315 -8.09 7.48 -10.07
C LEU A 315 -8.19 5.94 -10.12
N THR A 316 -9.42 5.44 -10.12
CA THR A 316 -9.69 4.08 -10.48
C THR A 316 -10.61 4.02 -11.69
N ARG A 317 -10.66 2.88 -12.35
CA ARG A 317 -11.52 2.76 -13.52
C ARG A 317 -12.98 3.04 -13.19
N GLU A 318 -13.44 2.47 -12.09
CA GLU A 318 -14.84 2.61 -11.64
C GLU A 318 -15.18 4.04 -11.22
N ALA A 319 -14.23 4.74 -10.55
CA ALA A 319 -14.46 6.12 -10.12
C ALA A 319 -14.44 7.08 -11.28
N LEU A 320 -13.56 6.78 -12.26
CA LEU A 320 -13.50 7.53 -13.51
C LEU A 320 -14.78 7.29 -14.32
N ALA A 321 -15.26 6.04 -14.35
CA ALA A 321 -16.54 5.78 -15.04
C ALA A 321 -17.68 6.55 -14.41
N ALA A 322 -17.72 6.62 -13.07
CA ALA A 322 -18.76 7.44 -12.43
C ALA A 322 -18.70 8.92 -12.80
N ILE A 323 -17.48 9.47 -12.84
CA ILE A 323 -17.25 10.88 -13.24
C ILE A 323 -17.74 11.11 -14.69
N ALA A 324 -17.40 10.17 -15.58
CA ALA A 324 -17.81 10.32 -17.00
C ALA A 324 -19.33 10.21 -17.16
N ASP A 325 -19.95 9.21 -16.54
CA ASP A 325 -21.40 8.96 -16.56
C ASP A 325 -22.16 10.19 -16.02
N THR A 326 -21.66 10.74 -14.92
CA THR A 326 -22.26 11.92 -14.31
C THR A 326 -22.11 13.10 -15.24
N THR A 327 -20.92 13.30 -15.80
CA THR A 327 -20.69 14.46 -16.62
C THR A 327 -21.53 14.41 -17.93
N LEU A 328 -21.57 13.27 -18.61
CA LEU A 328 -22.37 13.14 -19.81
C LEU A 328 -23.87 13.26 -19.49
N ASP A 329 -24.30 12.69 -18.36
CA ASP A 329 -25.71 12.92 -17.87
C ASP A 329 -25.93 14.39 -17.53
N ASN A 330 -24.96 15.09 -16.98
CA ASN A 330 -25.12 16.53 -16.74
C ASN A 330 -25.31 17.27 -18.06
N ILE A 331 -24.60 16.81 -19.09
CA ILE A 331 -24.65 17.50 -20.38
C ILE A 331 -26.00 17.22 -21.08
N ALA A 332 -26.46 15.96 -21.02
CA ALA A 332 -27.77 15.56 -21.55
C ALA A 332 -28.90 16.32 -20.85
N ALA A 333 -28.79 16.45 -19.54
CA ALA A 333 -29.80 17.19 -18.76
C ALA A 333 -29.85 18.67 -19.17
N TRP A 334 -28.68 19.32 -19.29
CA TRP A 334 -28.65 20.69 -19.80
C TRP A 334 -29.27 20.78 -21.18
N GLN A 335 -28.90 19.88 -22.08
CA GLN A 335 -29.55 19.75 -23.42
C GLN A 335 -31.10 19.60 -23.43
N ASP A 336 -31.67 18.87 -22.47
CA ASP A 336 -33.11 18.76 -22.31
C ASP A 336 -33.78 19.91 -21.57
N GLY A 337 -33.04 20.97 -21.29
CA GLY A 337 -33.62 22.17 -20.71
C GLY A 337 -33.88 22.03 -19.22
N THR A 338 -33.29 21.03 -18.55
CA THR A 338 -33.51 20.83 -17.11
C THR A 338 -32.19 20.58 -16.36
N PRO A 339 -31.34 21.60 -16.28
CA PRO A 339 -29.96 21.35 -15.82
C PRO A 339 -29.80 20.68 -14.43
N ARG A 340 -28.75 19.87 -14.31
CA ARG A 340 -28.40 19.13 -13.09
C ARG A 340 -27.04 19.60 -12.63
N ASN A 341 -26.76 19.58 -11.32
CA ASN A 341 -25.39 19.76 -10.78
C ASN A 341 -24.73 21.04 -11.31
N ARG A 342 -25.51 22.11 -11.36
CA ARG A 342 -25.00 23.41 -11.72
C ARG A 342 -24.27 23.88 -10.48
N VAL A 343 -23.28 24.74 -10.62
CA VAL A 343 -22.67 25.27 -9.41
C VAL A 343 -23.31 26.62 -9.06
N MET B 17 24.31 -17.21 30.96
CA MET B 17 24.09 -17.94 29.67
C MET B 17 24.34 -16.95 28.54
N ARG B 18 25.28 -17.29 27.65
CA ARG B 18 25.78 -16.36 26.65
C ARG B 18 25.25 -16.78 25.26
N ILE B 19 24.80 -15.79 24.48
CA ILE B 19 24.19 -16.07 23.13
C ILE B 19 24.88 -15.17 22.13
N LEU B 20 25.45 -15.81 21.10
CA LEU B 20 26.07 -15.08 20.01
C LEU B 20 25.12 -15.07 18.81
N PHE B 21 24.75 -13.86 18.35
CA PHE B 21 23.91 -13.68 17.15
C PHE B 21 24.77 -13.36 15.92
N PHE B 22 24.63 -14.17 14.86
CA PHE B 22 25.29 -13.93 13.62
C PHE B 22 24.23 -13.25 12.72
N SER B 23 24.74 -12.55 11.69
CA SER B 23 23.91 -11.79 10.70
C SER B 23 22.99 -10.76 11.37
N SER B 24 23.51 -10.10 12.40
CA SER B 24 22.70 -9.22 13.25
C SER B 24 22.37 -7.90 12.58
N GLN B 25 21.12 -7.47 12.73
CA GLN B 25 20.66 -6.19 12.20
C GLN B 25 20.30 -5.39 13.42
N ALA B 26 20.21 -4.08 13.25
CA ALA B 26 19.78 -3.24 14.34
C ALA B 26 18.42 -3.64 14.87
N TYR B 27 17.49 -4.06 13.99
CA TYR B 27 16.15 -4.47 14.47
C TYR B 27 16.22 -5.79 15.31
N ASP B 28 17.26 -6.59 15.11
CA ASP B 28 17.46 -7.80 15.97
C ASP B 28 17.87 -7.38 17.39
N SER B 29 18.89 -6.51 17.48
CA SER B 29 19.38 -6.06 18.79
C SER B 29 18.30 -5.34 19.55
N GLU B 30 17.54 -4.51 18.87
CA GLU B 30 16.51 -3.76 19.54
C GLU B 30 15.39 -4.66 20.08
N SER B 31 14.93 -5.66 19.30
CA SER B 31 13.83 -6.51 19.72
C SER B 31 14.31 -7.48 20.82
N PHE B 32 15.49 -8.08 20.60
CA PHE B 32 15.99 -9.11 21.57
C PHE B 32 16.40 -8.44 22.87
N GLN B 33 16.96 -7.24 22.82
CA GLN B 33 17.22 -6.55 24.10
C GLN B 33 15.97 -6.29 24.92
N ALA B 34 14.89 -5.91 24.29
CA ALA B 34 13.66 -5.65 25.01
C ALA B 34 13.07 -6.96 25.55
N SER B 35 13.15 -8.01 24.73
CA SER B 35 12.60 -9.28 25.13
C SER B 35 13.39 -9.92 26.28
N ASN B 36 14.65 -9.58 26.39
CA ASN B 36 15.57 -10.10 27.43
C ASN B 36 15.29 -9.57 28.86
N HIS B 37 14.34 -8.63 29.00
CA HIS B 37 13.97 -8.06 30.32
C HIS B 37 13.39 -9.10 31.26
N ARG B 38 12.98 -10.25 30.75
CA ARG B 38 12.51 -11.36 31.57
C ARG B 38 13.42 -12.59 31.45
N HIS B 39 14.67 -12.42 31.01
CA HIS B 39 15.62 -13.52 30.98
C HIS B 39 16.98 -13.15 31.55
N GLY B 40 17.52 -12.01 31.16
CA GLY B 40 18.85 -11.60 31.63
C GLY B 40 19.97 -12.40 31.01
N PHE B 41 19.77 -12.89 29.79
CA PHE B 41 20.86 -13.57 29.12
C PHE B 41 21.93 -12.53 28.74
N GLU B 42 23.13 -12.99 28.43
CA GLU B 42 24.20 -12.12 27.96
C GLU B 42 24.16 -12.22 26.45
N LEU B 43 23.76 -11.12 25.82
CA LEU B 43 23.58 -11.07 24.36
C LEU B 43 24.73 -10.43 23.64
N HIS B 44 25.31 -11.17 22.68
CA HIS B 44 26.37 -10.67 21.80
C HIS B 44 25.89 -10.66 20.35
N PHE B 45 25.97 -9.48 19.74
CA PHE B 45 25.50 -9.25 18.34
C PHE B 45 26.67 -9.06 17.38
N GLN B 46 26.94 -10.07 16.57
CA GLN B 46 27.90 -10.01 15.49
C GLN B 46 27.19 -9.76 14.15
N GLN B 47 27.61 -8.74 13.43
CA GLN B 47 27.03 -8.48 12.12
C GLN B 47 27.38 -9.54 11.06
N ALA B 48 28.56 -10.13 11.16
CA ALA B 48 28.99 -11.03 10.10
C ALA B 48 28.13 -12.26 9.99
N HIS B 49 28.02 -12.78 8.78
CA HIS B 49 27.40 -14.07 8.51
C HIS B 49 28.14 -15.21 9.17
N LEU B 50 27.39 -16.20 9.61
CA LEU B 50 27.99 -17.46 9.99
C LEU B 50 28.39 -18.27 8.75
N GLN B 51 29.63 -18.74 8.76
CA GLN B 51 30.17 -19.60 7.71
C GLN B 51 31.48 -20.21 8.28
N ALA B 52 32.10 -21.10 7.49
CA ALA B 52 33.28 -21.84 7.96
C ALA B 52 34.32 -20.93 8.64
N ASP B 53 34.61 -19.79 8.05
CA ASP B 53 35.68 -18.93 8.56
C ASP B 53 35.28 -17.88 9.63
N THR B 54 33.99 -17.79 9.98
CA THR B 54 33.53 -16.95 11.11
C THR B 54 33.00 -17.78 12.32
N ALA B 55 32.94 -19.09 12.15
CA ALA B 55 32.44 -19.99 13.22
C ALA B 55 33.28 -19.84 14.50
N VAL B 56 34.55 -19.54 14.29
CA VAL B 56 35.49 -19.36 15.38
C VAL B 56 35.03 -18.29 16.37
N LEU B 57 34.24 -17.33 15.91
CA LEU B 57 33.70 -16.29 16.79
C LEU B 57 32.76 -16.85 17.89
N ALA B 58 32.12 -17.98 17.58
CA ALA B 58 31.21 -18.66 18.50
C ALA B 58 31.93 -19.59 19.49
N GLN B 59 33.26 -19.58 19.46
CA GLN B 59 34.02 -20.42 20.38
C GLN B 59 33.73 -19.98 21.82
N GLY B 60 33.32 -20.94 22.63
CA GLY B 60 33.04 -20.70 24.03
C GLY B 60 31.63 -20.22 24.29
N PHE B 61 30.82 -20.02 23.24
CA PHE B 61 29.45 -19.58 23.40
C PHE B 61 28.54 -20.78 23.38
N GLU B 62 27.69 -20.86 24.39
CA GLU B 62 26.83 -22.01 24.56
C GLU B 62 25.70 -22.04 23.58
N VAL B 63 25.28 -20.83 23.18
CA VAL B 63 24.15 -20.72 22.27
C VAL B 63 24.50 -19.77 21.16
N VAL B 64 24.18 -20.21 19.94
CA VAL B 64 24.34 -19.34 18.76
C VAL B 64 22.99 -19.13 18.15
N CYS B 65 22.68 -17.86 17.82
CA CYS B 65 21.38 -17.53 17.26
C CYS B 65 21.56 -17.13 15.79
N ALA B 66 20.92 -17.86 14.89
CA ALA B 66 21.18 -17.74 13.44
C ALA B 66 19.91 -17.37 12.71
N PHE B 67 20.08 -16.75 11.55
CA PHE B 67 18.98 -16.44 10.71
C PHE B 67 19.16 -17.30 9.48
N VAL B 68 18.22 -17.21 8.55
CA VAL B 68 18.22 -18.13 7.41
C VAL B 68 19.38 -18.00 6.38
N ASN B 69 20.10 -16.93 6.45
CA ASN B 69 21.16 -16.68 5.50
C ASN B 69 22.50 -17.09 6.10
N ASP B 70 22.45 -17.61 7.32
CA ASP B 70 23.64 -18.17 7.95
C ASP B 70 23.91 -19.61 7.47
N ASP B 71 25.17 -19.96 7.39
CA ASP B 71 25.54 -21.26 6.87
C ASP B 71 25.64 -22.28 8.03
N LEU B 72 24.68 -23.20 8.09
CA LEU B 72 24.68 -24.28 9.11
C LEU B 72 24.76 -25.66 8.46
N SER B 73 25.67 -25.74 7.48
CA SER B 73 25.99 -27.03 6.85
C SER B 73 26.90 -27.81 7.81
N ARG B 74 27.12 -29.08 7.52
CA ARG B 74 27.96 -29.93 8.38
C ARG B 74 29.30 -29.32 8.78
N PRO B 75 30.07 -28.76 7.81
CA PRO B 75 31.36 -28.23 8.28
C PRO B 75 31.25 -27.14 9.37
N VAL B 76 30.22 -26.31 9.26
CA VAL B 76 30.08 -25.23 10.23
C VAL B 76 29.61 -25.79 11.60
N LEU B 77 28.68 -26.71 11.55
CA LEU B 77 28.15 -27.33 12.80
C LEU B 77 29.28 -28.03 13.59
N GLU B 78 30.09 -28.81 12.86
CA GLU B 78 31.24 -29.52 13.47
C GLU B 78 32.14 -28.54 14.20
N ARG B 79 32.37 -27.38 13.60
CA ARG B 79 33.25 -26.39 14.20
C ARG B 79 32.63 -25.76 15.47
N LEU B 80 31.35 -25.42 15.40
CA LEU B 80 30.63 -24.90 16.56
C LEU B 80 30.64 -25.89 17.72
N ALA B 81 30.46 -27.16 17.38
CA ALA B 81 30.38 -28.23 18.43
C ALA B 81 31.73 -28.42 19.12
N ALA B 82 32.77 -28.59 18.31
CA ALA B 82 34.17 -28.62 18.77
C ALA B 82 34.53 -27.38 19.61
N GLY B 83 33.99 -26.22 19.24
CA GLY B 83 34.20 -25.01 20.01
C GLY B 83 33.33 -24.85 21.24
N GLY B 84 32.41 -25.80 21.49
CA GLY B 84 31.62 -25.85 22.74
C GLY B 84 30.24 -25.22 22.68
N THR B 85 29.74 -24.99 21.45
CA THR B 85 28.38 -24.50 21.30
C THR B 85 27.45 -25.65 21.52
N ARG B 86 26.39 -25.44 22.32
CA ARG B 86 25.51 -26.57 22.68
C ARG B 86 24.10 -26.46 22.15
N LEU B 87 23.72 -25.29 21.62
CA LEU B 87 22.41 -25.09 21.03
C LEU B 87 22.48 -24.07 19.86
N VAL B 88 21.77 -24.39 18.78
CA VAL B 88 21.57 -23.47 17.67
C VAL B 88 20.12 -23.01 17.73
N ALA B 89 19.90 -21.74 17.97
CA ALA B 89 18.56 -21.16 18.02
C ALA B 89 18.36 -20.36 16.73
N LEU B 90 17.37 -20.74 15.92
CA LEU B 90 17.08 -20.00 14.65
C LEU B 90 16.02 -18.99 14.97
N ARG B 91 16.32 -17.71 14.73
CA ARG B 91 15.32 -16.65 14.89
C ARG B 91 14.49 -16.53 13.59
N SER B 92 14.01 -17.68 13.11
CA SER B 92 13.28 -17.79 11.88
C SER B 92 12.36 -18.98 12.03
N ALA B 93 11.38 -19.07 11.14
CA ALA B 93 10.63 -20.29 11.00
C ALA B 93 11.39 -21.27 10.15
N GLY B 94 11.99 -20.77 9.04
CA GLY B 94 12.61 -21.66 8.09
C GLY B 94 13.97 -22.14 8.56
N TYR B 95 14.38 -23.28 8.03
CA TYR B 95 15.65 -23.94 8.44
C TYR B 95 16.32 -24.72 7.31
N ASN B 96 16.14 -24.27 6.05
CA ASN B 96 16.71 -24.97 4.88
C ASN B 96 18.21 -25.00 4.91
N HIS B 97 18.77 -23.90 5.38
CA HIS B 97 20.20 -23.72 5.63
C HIS B 97 20.87 -24.66 6.68
N VAL B 98 20.08 -25.46 7.37
CA VAL B 98 20.62 -26.35 8.44
C VAL B 98 20.74 -27.78 7.96
N ASP B 99 21.91 -28.36 8.04
CA ASP B 99 22.02 -29.82 7.85
C ASP B 99 21.60 -30.57 9.16
N LEU B 100 20.35 -31.01 9.24
CA LEU B 100 19.76 -31.48 10.50
C LEU B 100 20.32 -32.83 10.85
N ALA B 101 20.57 -33.65 9.83
CA ALA B 101 21.20 -34.97 9.99
C ALA B 101 22.57 -34.83 10.62
N ALA B 102 23.32 -33.88 10.16
CA ALA B 102 24.61 -33.58 10.73
C ALA B 102 24.47 -33.03 12.17
N ALA B 103 23.52 -32.14 12.42
CA ALA B 103 23.35 -31.59 13.78
C ALA B 103 22.99 -32.72 14.80
N GLU B 104 22.15 -33.65 14.36
CA GLU B 104 21.76 -34.78 15.20
C GLU B 104 22.97 -35.62 15.47
N ALA B 105 23.70 -35.96 14.40
CA ALA B 105 24.91 -36.77 14.54
C ALA B 105 25.87 -36.12 15.56
N LEU B 106 25.90 -34.80 15.59
CA LEU B 106 26.82 -34.05 16.44
C LEU B 106 26.24 -33.75 17.81
N GLY B 107 25.00 -34.14 18.03
CA GLY B 107 24.35 -33.86 19.28
C GLY B 107 24.18 -32.37 19.52
N LEU B 108 23.75 -31.64 18.47
CA LEU B 108 23.58 -30.20 18.58
C LEU B 108 22.12 -29.86 18.23
N PRO B 109 21.26 -29.56 19.23
CA PRO B 109 19.82 -29.41 18.96
C PRO B 109 19.54 -28.06 18.27
N VAL B 110 18.43 -28.03 17.55
CA VAL B 110 18.08 -26.88 16.75
C VAL B 110 16.68 -26.51 17.16
N VAL B 111 16.46 -25.26 17.49
CA VAL B 111 15.11 -24.78 17.74
C VAL B 111 14.75 -23.63 16.77
N HIS B 112 13.48 -23.35 16.64
CA HIS B 112 13.03 -22.28 15.73
C HIS B 112 11.72 -21.65 16.17
N VAL B 113 11.30 -20.64 15.41
CA VAL B 113 10.02 -19.98 15.57
C VAL B 113 9.00 -20.73 14.75
N PRO B 114 7.90 -21.23 15.36
CA PRO B 114 7.00 -22.08 14.61
C PRO B 114 6.21 -21.34 13.53
N ALA B 115 5.89 -20.06 13.74
CA ALA B 115 5.01 -19.27 12.84
C ALA B 115 5.20 -17.78 13.11
N TYR B 116 5.09 -16.94 12.07
CA TYR B 116 5.18 -15.51 12.23
C TYR B 116 3.81 -14.94 12.52
N SER B 117 3.79 -13.78 13.18
CA SER B 117 2.57 -13.03 13.47
C SER B 117 1.63 -12.92 12.26
N PRO B 118 0.40 -13.38 12.43
CA PRO B 118 -0.50 -13.41 11.28
C PRO B 118 -0.96 -12.03 10.89
N HIS B 119 -1.17 -11.13 11.84
CA HIS B 119 -1.51 -9.76 11.45
C HIS B 119 -0.41 -9.06 10.66
N ALA B 120 0.82 -9.18 11.11
CA ALA B 120 1.93 -8.54 10.40
C ALA B 120 1.99 -9.00 8.96
N VAL B 121 1.93 -10.32 8.75
CA VAL B 121 2.06 -10.91 7.44
C VAL B 121 0.85 -10.61 6.54
N ALA B 122 -0.35 -10.70 7.07
CA ALA B 122 -1.53 -10.46 6.26
C ALA B 122 -1.62 -8.94 5.88
N GLU B 123 -1.25 -8.07 6.81
CA GLU B 123 -1.21 -6.66 6.56
C GLU B 123 -0.23 -6.32 5.42
N HIS B 124 0.90 -7.00 5.40
CA HIS B 124 1.89 -6.76 4.39
C HIS B 124 1.37 -7.20 3.02
N ALA B 125 0.66 -8.32 2.96
CA ALA B 125 0.03 -8.75 1.75
C ALA B 125 -0.93 -7.67 1.27
N VAL B 126 -1.76 -7.12 2.15
CA VAL B 126 -2.69 -6.09 1.73
C VAL B 126 -1.94 -4.83 1.25
N GLY B 127 -0.83 -4.48 1.90
CA GLY B 127 -0.05 -3.37 1.46
C GLY B 127 0.50 -3.57 0.03
N LEU B 128 0.84 -4.82 -0.30
CA LEU B 128 1.41 -5.12 -1.63
C LEU B 128 0.27 -4.95 -2.61
N ILE B 129 -0.92 -5.42 -2.23
CA ILE B 129 -2.09 -5.26 -3.13
C ILE B 129 -2.35 -3.79 -3.45
N LEU B 130 -2.34 -2.95 -2.42
CA LEU B 130 -2.71 -1.56 -2.65
C LEU B 130 -1.65 -0.81 -3.37
N THR B 131 -0.37 -1.09 -3.09
CA THR B 131 0.66 -0.41 -3.80
C THR B 131 0.62 -0.78 -5.30
N LEU B 132 0.41 -2.04 -5.60
CA LEU B 132 0.33 -2.46 -6.98
C LEU B 132 -0.89 -1.84 -7.68
N ASN B 133 -2.03 -1.88 -6.99
CA ASN B 133 -3.30 -1.46 -7.56
C ASN B 133 -3.20 0.05 -7.91
N ARG B 134 -2.78 0.84 -6.94
CA ARG B 134 -2.77 2.27 -7.07
C ARG B 134 -1.36 2.78 -7.59
N ARG B 135 -0.47 1.85 -7.87
CA ARG B 135 0.85 2.20 -8.38
C ARG B 135 1.58 3.18 -7.49
N LEU B 136 1.44 3.00 -6.19
CA LEU B 136 1.96 3.97 -5.26
C LEU B 136 3.50 4.11 -5.29
N HIS B 137 4.19 3.02 -5.55
CA HIS B 137 5.68 3.03 -5.65
C HIS B 137 6.08 3.86 -6.88
N ARG B 138 5.31 3.73 -7.96
CA ARG B 138 5.58 4.55 -9.19
C ARG B 138 5.23 6.03 -8.93
N ALA B 139 4.06 6.27 -8.32
CA ALA B 139 3.68 7.67 -7.95
C ALA B 139 4.71 8.39 -7.10
N TYR B 140 5.19 7.71 -6.07
CA TYR B 140 6.17 8.28 -5.18
C TYR B 140 7.35 8.75 -5.94
N ASN B 141 7.85 7.89 -6.84
CA ASN B 141 9.03 8.25 -7.60
C ASN B 141 8.80 9.43 -8.56
N ARG B 142 7.60 9.55 -9.08
CA ARG B 142 7.25 10.71 -9.86
C ARG B 142 7.17 11.97 -9.05
N THR B 143 6.37 11.95 -8.01
CA THR B 143 6.18 13.22 -7.28
C THR B 143 7.43 13.72 -6.57
N ARG B 144 8.28 12.80 -6.15
CA ARG B 144 9.55 13.15 -5.49
C ARG B 144 10.38 14.02 -6.38
N GLU B 145 10.23 13.83 -7.67
CA GLU B 145 11.01 14.53 -8.64
C GLU B 145 10.20 15.71 -9.35
N GLY B 146 9.03 16.02 -8.83
CA GLY B 146 8.18 17.05 -9.43
C GLY B 146 7.39 16.64 -10.61
N ASP B 147 7.20 15.33 -10.82
CA ASP B 147 6.34 14.86 -11.82
C ASP B 147 4.99 14.51 -11.16
N PHE B 148 4.01 15.39 -11.39
CA PHE B 148 2.67 15.24 -10.84
C PHE B 148 1.67 14.72 -11.79
N SER B 149 2.15 14.16 -12.90
CA SER B 149 1.29 13.63 -13.92
C SER B 149 0.82 12.23 -13.57
N LEU B 150 -0.41 11.90 -14.02
CA LEU B 150 -1.09 10.74 -13.55
C LEU B 150 -1.20 9.61 -14.58
N HIS B 151 -0.72 9.83 -15.80
CA HIS B 151 -0.80 8.76 -16.85
C HIS B 151 -0.29 7.41 -16.33
N GLY B 152 -1.03 6.34 -16.64
CA GLY B 152 -0.66 5.01 -16.25
C GLY B 152 -0.86 4.60 -14.80
N LEU B 153 -1.36 5.49 -13.93
CA LEU B 153 -1.53 5.20 -12.52
C LEU B 153 -2.95 4.77 -12.10
N THR B 154 -3.88 4.70 -13.07
CA THR B 154 -5.23 4.32 -12.79
C THR B 154 -5.31 2.92 -12.22
N GLY B 155 -5.99 2.77 -11.09
CA GLY B 155 -6.22 1.46 -10.46
C GLY B 155 -7.63 0.96 -10.60
N PHE B 156 -8.04 0.16 -9.64
CA PHE B 156 -9.35 -0.41 -9.59
C PHE B 156 -9.85 -0.43 -8.14
N ASP B 157 -11.15 -0.26 -7.97
CA ASP B 157 -11.73 -0.36 -6.65
C ASP B 157 -11.57 -1.80 -6.18
N LEU B 158 -11.16 -1.99 -4.93
CA LEU B 158 -11.20 -3.27 -4.33
C LEU B 158 -12.64 -3.74 -3.99
N HIS B 159 -13.44 -2.79 -3.55
CA HIS B 159 -14.86 -3.06 -3.30
C HIS B 159 -15.50 -3.84 -4.43
N GLY B 160 -16.10 -4.99 -4.14
CA GLY B 160 -16.82 -5.75 -5.13
C GLY B 160 -15.95 -6.76 -5.88
N LYS B 161 -14.62 -6.67 -5.75
CA LYS B 161 -13.77 -7.61 -6.48
C LYS B 161 -13.70 -8.98 -5.77
N ARG B 162 -13.44 -10.02 -6.56
CA ARG B 162 -13.29 -11.37 -6.03
C ARG B 162 -11.86 -11.59 -5.63
N VAL B 163 -11.65 -12.00 -4.39
CA VAL B 163 -10.36 -12.21 -3.82
C VAL B 163 -10.31 -13.68 -3.43
N GLY B 164 -9.36 -14.40 -4.01
CA GLY B 164 -9.22 -15.83 -3.77
C GLY B 164 -8.05 -16.11 -2.85
N VAL B 165 -8.39 -16.75 -1.74
CA VAL B 165 -7.44 -17.10 -0.71
C VAL B 165 -7.13 -18.57 -0.79
N ILE B 166 -5.88 -18.86 -1.12
CA ILE B 166 -5.45 -20.21 -1.20
C ILE B 166 -4.72 -20.57 0.10
N GLY B 167 -5.42 -21.34 0.94
CA GLY B 167 -4.88 -21.73 2.27
C GLY B 167 -5.51 -20.87 3.32
N THR B 168 -6.35 -21.48 4.14
CA THR B 168 -7.13 -20.74 5.10
C THR B 168 -6.77 -21.08 6.55
N GLY B 169 -5.49 -21.37 6.75
CA GLY B 169 -4.85 -21.29 8.03
C GLY B 169 -4.90 -19.94 8.65
N GLN B 170 -4.16 -19.76 9.75
CA GLN B 170 -4.23 -18.52 10.49
C GLN B 170 -3.94 -17.22 9.61
N ILE B 171 -2.91 -17.24 8.82
CA ILE B 171 -2.56 -16.03 8.06
C ILE B 171 -3.63 -15.82 6.98
N GLY B 172 -3.99 -16.88 6.28
CA GLY B 172 -5.00 -16.79 5.22
C GLY B 172 -6.31 -16.27 5.75
N GLU B 173 -6.71 -16.76 6.92
CA GLU B 173 -7.93 -16.30 7.56
C GLU B 173 -7.86 -14.83 7.93
N THR B 174 -6.75 -14.43 8.48
CA THR B 174 -6.55 -13.05 8.89
C THR B 174 -6.62 -12.14 7.65
N PHE B 175 -5.91 -12.56 6.61
CA PHE B 175 -5.98 -11.86 5.31
C PHE B 175 -7.42 -11.78 4.81
N ALA B 176 -8.11 -12.92 4.86
CA ALA B 176 -9.50 -12.93 4.37
C ALA B 176 -10.37 -11.92 5.12
N ARG B 177 -10.24 -11.82 6.44
CA ARG B 177 -11.07 -10.91 7.23
C ARG B 177 -10.78 -9.46 6.84
N ILE B 178 -9.51 -9.13 6.65
CA ILE B 178 -9.19 -7.75 6.20
C ILE B 178 -9.82 -7.48 4.87
N MET B 179 -9.69 -8.41 3.90
CA MET B 179 -10.19 -8.11 2.56
C MET B 179 -11.75 -8.05 2.54
N ALA B 180 -12.39 -8.87 3.38
CA ALA B 180 -13.83 -8.74 3.59
C ALA B 180 -14.26 -7.37 4.03
N GLY B 181 -13.47 -6.68 4.84
CA GLY B 181 -13.75 -5.31 5.27
C GLY B 181 -13.71 -4.24 4.21
N PHE B 182 -12.99 -4.53 3.11
CA PHE B 182 -12.99 -3.67 1.94
C PHE B 182 -14.27 -3.90 1.11
N GLY B 183 -15.09 -4.91 1.49
CA GLY B 183 -16.28 -5.23 0.67
C GLY B 183 -15.95 -6.12 -0.52
N CYS B 184 -14.86 -6.89 -0.40
CA CYS B 184 -14.54 -7.81 -1.45
C CYS B 184 -15.43 -9.04 -1.28
N GLU B 185 -15.58 -9.76 -2.37
CA GLU B 185 -16.26 -11.04 -2.36
C GLU B 185 -15.16 -12.07 -2.18
N LEU B 186 -15.19 -12.80 -1.07
CA LEU B 186 -14.14 -13.74 -0.72
C LEU B 186 -14.35 -15.20 -1.23
N LEU B 187 -13.36 -15.72 -1.95
CA LEU B 187 -13.31 -17.10 -2.44
C LEU B 187 -12.15 -17.78 -1.77
N ALA B 188 -12.31 -19.05 -1.49
CA ALA B 188 -11.30 -19.76 -0.75
C ALA B 188 -11.12 -21.19 -1.20
N TYR B 189 -9.90 -21.65 -1.09
CA TYR B 189 -9.57 -23.02 -1.32
C TYR B 189 -8.72 -23.51 -0.17
N ASP B 190 -9.14 -24.61 0.45
CA ASP B 190 -8.27 -25.28 1.44
C ASP B 190 -8.68 -26.76 1.47
N PRO B 191 -7.69 -27.65 1.53
CA PRO B 191 -8.10 -29.04 1.79
C PRO B 191 -9.05 -29.20 2.98
N TYR B 192 -8.86 -28.43 4.04
CA TYR B 192 -9.73 -28.53 5.22
C TYR B 192 -10.43 -27.23 5.51
N PRO B 193 -11.55 -26.99 4.84
CA PRO B 193 -12.26 -25.75 5.02
C PRO B 193 -12.65 -25.51 6.45
N ASN B 194 -12.75 -24.26 6.88
CA ASN B 194 -13.24 -23.96 8.21
C ASN B 194 -14.41 -22.99 8.20
N PRO B 195 -15.21 -22.99 9.29
CA PRO B 195 -16.44 -22.18 9.33
C PRO B 195 -16.20 -20.73 9.58
N ARG B 196 -15.01 -20.40 10.00
CA ARG B 196 -14.74 -19.01 10.23
C ARG B 196 -14.71 -18.22 8.93
N ILE B 197 -14.12 -18.81 7.91
CA ILE B 197 -14.05 -18.22 6.53
C ILE B 197 -15.45 -18.01 6.04
N GLN B 198 -16.29 -19.03 6.26
CA GLN B 198 -17.73 -18.93 5.98
C GLN B 198 -18.44 -17.82 6.69
N ALA B 199 -18.19 -17.64 7.99
CA ALA B 199 -18.81 -16.53 8.74
C ALA B 199 -18.41 -15.16 8.23
N LEU B 200 -17.20 -15.04 7.67
CA LEU B 200 -16.79 -13.77 6.99
C LEU B 200 -17.55 -13.50 5.72
N GLY B 201 -18.28 -14.47 5.19
CA GLY B 201 -18.93 -14.33 3.89
C GLY B 201 -18.16 -15.05 2.81
N GLY B 202 -17.13 -15.81 3.18
CA GLY B 202 -16.30 -16.54 2.20
C GLY B 202 -16.91 -17.80 1.64
N ARG B 203 -16.69 -18.05 0.35
CA ARG B 203 -17.23 -19.23 -0.36
C ARG B 203 -16.06 -20.16 -0.67
N TYR B 204 -16.11 -21.40 -0.22
CA TYR B 204 -15.12 -22.39 -0.66
C TYR B 204 -15.49 -22.94 -2.00
N LEU B 205 -14.47 -23.22 -2.82
CA LEU B 205 -14.65 -23.81 -4.10
C LEU B 205 -13.40 -24.53 -4.53
N ALA B 206 -13.47 -25.24 -5.64
CA ALA B 206 -12.30 -25.90 -6.18
C ALA B 206 -11.18 -24.91 -6.57
N LEU B 207 -9.93 -25.35 -6.45
CA LEU B 207 -8.77 -24.52 -6.73
C LEU B 207 -8.94 -23.92 -8.14
N ASP B 208 -9.30 -24.76 -9.09
CA ASP B 208 -9.31 -24.31 -10.48
C ASP B 208 -10.38 -23.24 -10.74
N ALA B 209 -11.49 -23.34 -10.02
CA ALA B 209 -12.53 -22.37 -10.13
C ALA B 209 -12.15 -21.07 -9.39
N LEU B 210 -11.48 -21.19 -8.24
CA LEU B 210 -10.91 -20.03 -7.59
C LEU B 210 -10.00 -19.24 -8.54
N LEU B 211 -9.11 -19.94 -9.23
CA LEU B 211 -8.15 -19.30 -10.08
C LEU B 211 -8.88 -18.62 -11.26
N ALA B 212 -9.83 -19.30 -11.84
CA ALA B 212 -10.55 -18.67 -12.99
C ALA B 212 -11.45 -17.48 -12.56
N GLU B 213 -11.90 -17.41 -11.32
CA GLU B 213 -12.88 -16.43 -10.93
C GLU B 213 -12.29 -15.21 -10.25
N SER B 214 -11.08 -15.33 -9.72
CA SER B 214 -10.56 -14.34 -8.82
C SER B 214 -9.90 -13.14 -9.57
N ASP B 215 -10.13 -11.93 -9.10
CA ASP B 215 -9.43 -10.75 -9.53
C ASP B 215 -8.07 -10.66 -8.83
N ILE B 216 -8.01 -11.16 -7.63
CA ILE B 216 -6.76 -11.13 -6.83
C ILE B 216 -6.62 -12.52 -6.20
N VAL B 217 -5.46 -13.15 -6.31
CA VAL B 217 -5.18 -14.47 -5.72
C VAL B 217 -4.07 -14.30 -4.73
N SER B 218 -4.23 -14.82 -3.48
CA SER B 218 -3.18 -14.62 -2.52
C SER B 218 -2.86 -16.01 -1.94
N LEU B 219 -1.55 -16.36 -1.92
CA LEU B 219 -1.11 -17.65 -1.45
C LEU B 219 -0.79 -17.61 0.05
N HIS B 220 -1.45 -18.51 0.79
CA HIS B 220 -1.15 -18.69 2.19
C HIS B 220 -1.14 -20.17 2.64
N CYS B 221 -0.92 -21.09 1.72
CA CYS B 221 -0.88 -22.49 2.10
C CYS B 221 0.56 -22.90 2.44
N PRO B 222 0.72 -23.89 3.37
CA PRO B 222 2.01 -24.49 3.63
C PRO B 222 2.67 -25.06 2.39
N LEU B 223 4.00 -25.02 2.38
CA LEU B 223 4.74 -25.67 1.29
C LEU B 223 4.92 -27.18 1.59
N THR B 224 4.54 -28.03 0.66
CA THR B 224 4.66 -29.49 0.80
C THR B 224 4.90 -30.01 -0.60
N ALA B 225 5.11 -31.31 -0.72
CA ALA B 225 5.33 -31.89 -2.04
C ALA B 225 4.15 -31.58 -2.94
N ASP B 226 2.95 -31.51 -2.37
CA ASP B 226 1.71 -31.22 -3.14
C ASP B 226 1.53 -29.75 -3.59
N THR B 227 2.07 -28.82 -2.82
CA THR B 227 1.91 -27.37 -3.13
C THR B 227 3.16 -26.78 -3.77
N ARG B 228 4.21 -27.58 -3.93
CA ARG B 228 5.41 -27.09 -4.56
C ARG B 228 5.06 -26.78 -6.00
N HIS B 229 5.46 -25.59 -6.40
CA HIS B 229 5.13 -25.07 -7.72
C HIS B 229 3.64 -25.15 -8.01
N LEU B 230 2.84 -24.91 -6.98
CA LEU B 230 1.37 -24.87 -7.18
C LEU B 230 1.01 -23.91 -8.31
N ILE B 231 1.58 -22.70 -8.25
CA ILE B 231 1.38 -21.79 -9.39
C ILE B 231 2.49 -21.99 -10.42
N ASP B 232 2.18 -22.73 -11.45
CA ASP B 232 3.13 -23.10 -12.46
C ASP B 232 2.50 -22.57 -13.70
N ALA B 233 3.03 -22.88 -14.86
CA ALA B 233 2.51 -22.29 -16.09
C ALA B 233 1.03 -22.61 -16.39
N GLN B 234 0.61 -23.78 -15.93
CA GLN B 234 -0.75 -24.28 -16.11
C GLN B 234 -1.69 -23.50 -15.21
N ARG B 235 -1.34 -23.44 -13.95
CA ARG B 235 -2.15 -22.69 -13.01
C ARG B 235 -2.22 -21.21 -13.44
N LEU B 236 -1.10 -20.63 -13.91
CA LEU B 236 -1.13 -19.22 -14.39
C LEU B 236 -2.09 -19.06 -15.55
N ALA B 237 -2.08 -20.02 -16.48
CA ALA B 237 -2.99 -19.91 -17.60
C ALA B 237 -4.48 -20.15 -17.21
N THR B 238 -4.74 -20.73 -16.03
CA THR B 238 -6.14 -20.91 -15.49
C THR B 238 -6.69 -19.53 -14.99
N MET B 239 -5.77 -18.71 -14.48
CA MET B 239 -6.20 -17.43 -13.87
C MET B 239 -6.95 -16.50 -14.84
N LYS B 240 -7.71 -15.57 -14.29
CA LYS B 240 -8.40 -14.51 -15.05
C LYS B 240 -7.38 -13.53 -15.67
N PRO B 241 -7.54 -13.22 -16.95
CA PRO B 241 -6.58 -12.34 -17.60
C PRO B 241 -6.49 -11.02 -16.93
N GLY B 242 -5.28 -10.59 -16.63
CA GLY B 242 -5.09 -9.29 -15.93
C GLY B 242 -5.17 -9.37 -14.43
N ALA B 243 -5.25 -10.58 -13.88
CA ALA B 243 -5.46 -10.72 -12.46
C ALA B 243 -4.17 -10.34 -11.73
N MET B 244 -4.31 -10.14 -10.45
CA MET B 244 -3.19 -9.89 -9.54
C MET B 244 -2.86 -11.16 -8.73
N LEU B 245 -1.58 -11.47 -8.60
CA LEU B 245 -1.11 -12.56 -7.72
C LEU B 245 -0.20 -12.04 -6.64
N ILE B 246 -0.42 -12.48 -5.42
CA ILE B 246 0.37 -12.12 -4.27
C ILE B 246 0.90 -13.45 -3.64
N ASN B 247 2.21 -13.50 -3.44
CA ASN B 247 2.81 -14.61 -2.69
C ASN B 247 3.61 -14.08 -1.54
N THR B 248 2.98 -14.11 -0.37
CA THR B 248 3.71 -13.96 0.90
C THR B 248 3.95 -15.30 1.63
N GLY B 249 3.65 -16.44 1.01
CA GLY B 249 3.69 -17.78 1.69
C GLY B 249 5.10 -18.39 1.72
N ARG B 250 5.51 -19.04 0.66
CA ARG B 250 6.89 -19.53 0.54
C ARG B 250 7.24 -19.48 -0.91
N GLY B 251 8.51 -19.23 -1.19
CA GLY B 251 8.98 -19.03 -2.56
C GLY B 251 8.62 -20.14 -3.49
N ALA B 252 8.74 -21.36 -2.99
CA ALA B 252 8.58 -22.53 -3.85
C ALA B 252 7.13 -22.81 -4.21
N LEU B 253 6.17 -22.05 -3.67
CA LEU B 253 4.74 -22.20 -4.08
C LEU B 253 4.53 -21.83 -5.51
N VAL B 254 5.49 -21.09 -6.07
CA VAL B 254 5.34 -20.61 -7.41
C VAL B 254 6.57 -20.97 -8.26
N ASN B 255 6.35 -21.16 -9.54
CA ASN B 255 7.42 -21.34 -10.47
C ASN B 255 7.70 -20.00 -11.11
N ALA B 256 8.66 -19.32 -10.54
CA ALA B 256 8.93 -17.93 -10.91
C ALA B 256 9.22 -17.76 -12.36
N ALA B 257 9.91 -18.75 -12.92
CA ALA B 257 10.20 -18.73 -14.32
C ALA B 257 8.96 -18.60 -15.18
N ALA B 258 7.87 -19.28 -14.82
CA ALA B 258 6.59 -19.21 -15.58
C ALA B 258 5.82 -17.85 -15.45
N LEU B 259 6.12 -17.14 -14.37
CA LEU B 259 5.52 -15.82 -14.15
C LEU B 259 5.94 -14.82 -15.21
N ILE B 260 7.15 -14.96 -15.72
CA ILE B 260 7.69 -14.02 -16.66
C ILE B 260 6.88 -13.95 -17.92
N GLU B 261 6.64 -15.08 -18.55
CA GLU B 261 5.94 -15.06 -19.81
C GLU B 261 4.52 -14.54 -19.64
N ALA B 262 3.91 -14.83 -18.50
CA ALA B 262 2.55 -14.40 -18.15
C ALA B 262 2.47 -12.89 -17.96
N LEU B 263 3.51 -12.34 -17.37
CA LEU B 263 3.65 -10.88 -17.22
C LEU B 263 3.91 -10.24 -18.56
N LYS B 264 4.77 -10.85 -19.38
CA LYS B 264 5.02 -10.29 -20.71
C LYS B 264 3.77 -10.24 -21.55
N SER B 265 2.92 -11.24 -21.45
CA SER B 265 1.77 -11.31 -22.36
C SER B 265 0.61 -10.48 -21.85
N GLY B 266 0.68 -10.10 -20.59
CA GLY B 266 -0.46 -9.41 -19.96
C GLY B 266 -1.44 -10.39 -19.31
N GLN B 267 -1.25 -11.69 -19.48
CA GLN B 267 -2.07 -12.62 -18.85
C GLN B 267 -2.10 -12.37 -17.30
N LEU B 268 -0.93 -12.22 -16.72
CA LEU B 268 -0.85 -11.80 -15.33
C LEU B 268 -0.69 -10.28 -15.31
N GLY B 269 -1.64 -9.62 -14.65
CA GLY B 269 -1.66 -8.17 -14.58
C GLY B 269 -0.71 -7.58 -13.57
N TYR B 270 -0.55 -8.26 -12.45
CA TYR B 270 0.23 -7.71 -11.36
C TYR B 270 0.83 -8.84 -10.57
N LEU B 271 1.99 -8.58 -9.99
CA LEU B 271 2.62 -9.51 -9.06
C LEU B 271 3.27 -8.84 -7.86
N GLY B 272 2.92 -9.36 -6.67
CA GLY B 272 3.51 -8.93 -5.42
C GLY B 272 4.17 -10.14 -4.76
N LEU B 273 5.48 -10.07 -4.57
CA LEU B 273 6.17 -11.16 -3.90
C LEU B 273 6.84 -10.65 -2.65
N ASP B 274 6.67 -11.37 -1.56
CA ASP B 274 7.51 -11.20 -0.38
C ASP B 274 8.47 -12.39 -0.16
N VAL B 275 8.36 -13.40 -1.01
CA VAL B 275 9.21 -14.57 -0.91
C VAL B 275 9.58 -15.00 -2.30
N TYR B 276 10.67 -15.75 -2.36
CA TYR B 276 11.23 -16.21 -3.63
C TYR B 276 12.01 -17.51 -3.35
N GLU B 277 11.92 -18.43 -4.28
CA GLU B 277 12.46 -19.77 -4.07
C GLU B 277 13.97 -19.73 -3.85
N GLU B 278 14.71 -18.89 -4.54
CA GLU B 278 16.11 -18.89 -4.19
C GLU B 278 16.49 -17.96 -2.96
N GLU B 279 15.52 -17.48 -2.16
CA GLU B 279 15.75 -16.32 -1.30
C GLU B 279 16.87 -16.34 -0.22
N ALA B 280 17.10 -17.45 0.47
CA ALA B 280 18.11 -17.44 1.54
C ALA B 280 19.53 -17.09 1.01
N ASP B 281 19.79 -17.40 -0.26
CA ASP B 281 21.02 -16.99 -0.94
C ASP B 281 21.04 -15.54 -1.49
N ILE B 282 19.91 -14.85 -1.45
CA ILE B 282 19.73 -13.57 -2.18
C ILE B 282 19.32 -12.46 -1.22
N PHE B 283 18.25 -12.72 -0.49
CA PHE B 283 17.67 -11.78 0.38
C PHE B 283 18.51 -11.47 1.62
N PHE B 284 18.09 -10.41 2.30
CA PHE B 284 18.65 -9.96 3.55
C PHE B 284 20.02 -9.41 3.44
N GLU B 285 20.44 -9.04 2.24
CA GLU B 285 21.74 -8.50 2.01
C GLU B 285 21.63 -7.41 0.93
N ASP B 286 22.46 -6.40 1.01
CA ASP B 286 22.55 -5.42 -0.05
C ASP B 286 23.47 -5.92 -1.09
N ARG B 287 22.89 -6.39 -2.19
CA ARG B 287 23.67 -6.87 -3.33
C ARG B 287 23.71 -5.88 -4.49
N SER B 288 23.61 -4.61 -4.20
CA SER B 288 23.32 -3.66 -5.29
C SER B 288 24.61 -3.27 -6.01
N ASP B 289 25.78 -3.53 -5.38
CA ASP B 289 27.06 -3.20 -5.96
C ASP B 289 27.50 -4.19 -7.09
N GLN B 290 26.83 -5.32 -7.20
CA GLN B 290 27.22 -6.37 -8.12
C GLN B 290 26.06 -6.81 -9.03
N PRO B 291 26.38 -7.26 -10.25
CA PRO B 291 25.34 -7.85 -11.06
C PRO B 291 24.62 -8.87 -10.33
N LEU B 292 23.34 -8.99 -10.61
CA LEU B 292 22.52 -10.03 -10.05
C LEU B 292 22.66 -11.22 -10.93
N GLN B 293 22.97 -12.39 -10.32
CA GLN B 293 23.21 -13.61 -11.09
C GLN B 293 21.94 -14.23 -11.60
N ASP B 294 20.88 -14.16 -10.82
CA ASP B 294 19.63 -14.82 -11.15
C ASP B 294 18.83 -14.12 -12.24
N ASP B 295 18.80 -14.72 -13.43
CA ASP B 295 18.13 -14.13 -14.57
C ASP B 295 16.63 -13.92 -14.35
N VAL B 296 16.00 -14.87 -13.68
CA VAL B 296 14.56 -14.85 -13.47
C VAL B 296 14.16 -13.70 -12.51
N LEU B 297 14.77 -13.67 -11.33
CA LEU B 297 14.55 -12.58 -10.42
C LEU B 297 14.89 -11.24 -11.06
N ALA B 298 16.00 -11.16 -11.79
CA ALA B 298 16.35 -9.85 -12.40
C ALA B 298 15.22 -9.37 -13.35
N ARG B 299 14.65 -10.28 -14.06
CA ARG B 299 13.61 -9.96 -15.03
C ARG B 299 12.32 -9.56 -14.30
N LEU B 300 11.98 -10.27 -13.21
CA LEU B 300 10.82 -9.91 -12.43
C LEU B 300 10.94 -8.51 -11.87
N LEU B 301 12.11 -8.19 -11.33
CA LEU B 301 12.35 -6.91 -10.74
C LEU B 301 12.15 -5.68 -11.70
N SER B 302 12.25 -5.91 -13.01
CA SER B 302 12.15 -4.90 -14.04
C SER B 302 10.78 -4.39 -14.40
N PHE B 303 9.80 -5.27 -14.22
CA PHE B 303 8.45 -5.03 -14.70
C PHE B 303 7.84 -3.91 -13.85
N PRO B 304 7.04 -3.09 -14.47
CA PRO B 304 6.45 -1.94 -13.82
C PRO B 304 5.34 -2.34 -12.87
N ASN B 305 4.82 -3.53 -13.02
CA ASN B 305 3.67 -4.07 -12.32
C ASN B 305 4.05 -5.26 -11.45
N VAL B 306 5.30 -5.25 -11.04
CA VAL B 306 5.83 -6.18 -10.02
C VAL B 306 6.49 -5.44 -8.88
N VAL B 307 6.16 -5.84 -7.63
CA VAL B 307 6.83 -5.32 -6.43
C VAL B 307 7.30 -6.53 -5.64
N VAL B 308 8.57 -6.48 -5.27
CA VAL B 308 9.22 -7.54 -4.47
C VAL B 308 9.74 -6.89 -3.22
N THR B 309 9.33 -7.45 -2.06
CA THR B 309 9.92 -7.14 -0.79
C THR B 309 10.69 -8.37 -0.30
N ALA B 310 11.76 -8.11 0.45
CA ALA B 310 12.77 -9.13 0.70
C ALA B 310 12.50 -9.89 2.01
N HIS B 311 11.40 -10.63 1.96
CA HIS B 311 10.84 -11.35 3.11
C HIS B 311 10.68 -10.47 4.34
N GLN B 312 9.89 -9.42 4.12
CA GLN B 312 9.67 -8.30 4.99
C GLN B 312 8.33 -8.38 5.70
N ALA B 313 7.56 -9.38 5.43
CA ALA B 313 6.16 -9.45 5.89
C ALA B 313 6.00 -9.56 7.39
N PHE B 314 7.01 -10.14 8.07
CA PHE B 314 7.00 -10.13 9.54
C PHE B 314 7.78 -9.01 10.18
N LEU B 315 8.22 -8.03 9.35
CA LEU B 315 9.06 -6.95 9.82
C LEU B 315 8.23 -5.81 10.38
N THR B 316 7.56 -6.06 11.51
CA THR B 316 6.98 -5.03 12.35
C THR B 316 7.53 -5.13 13.78
N ARG B 317 7.39 -4.09 14.55
CA ARG B 317 7.90 -4.14 15.90
C ARG B 317 7.28 -5.23 16.75
N GLU B 318 5.99 -5.41 16.63
CA GLU B 318 5.26 -6.41 17.35
C GLU B 318 5.62 -7.82 16.90
N ALA B 319 5.76 -8.03 15.61
CA ALA B 319 6.08 -9.33 15.13
C ALA B 319 7.50 -9.72 15.45
N LEU B 320 8.40 -8.75 15.43
CA LEU B 320 9.79 -8.98 15.84
C LEU B 320 9.86 -9.28 17.33
N ALA B 321 9.04 -8.57 18.13
CA ALA B 321 8.97 -8.87 19.57
C ALA B 321 8.51 -10.31 19.81
N ALA B 322 7.54 -10.78 19.04
CA ALA B 322 7.10 -12.18 19.16
C ALA B 322 8.19 -13.21 18.82
N ILE B 323 8.93 -12.94 17.76
CA ILE B 323 10.09 -13.77 17.36
C ILE B 323 11.15 -13.79 18.49
N ALA B 324 11.43 -12.62 19.06
CA ALA B 324 12.44 -12.54 20.13
C ALA B 324 12.01 -13.27 21.39
N ASP B 325 10.75 -13.07 21.81
CA ASP B 325 10.17 -13.73 22.99
C ASP B 325 10.17 -15.26 22.80
N THR B 326 9.71 -15.69 21.64
CA THR B 326 9.66 -17.08 21.31
C THR B 326 11.08 -17.67 21.33
N THR B 327 12.05 -16.98 20.74
CA THR B 327 13.40 -17.52 20.63
C THR B 327 14.07 -17.61 22.04
N LEU B 328 13.95 -16.55 22.85
CA LEU B 328 14.48 -16.57 24.20
C LEU B 328 13.77 -17.63 25.08
N ASP B 329 12.44 -17.74 24.96
CA ASP B 329 11.73 -18.82 25.63
C ASP B 329 12.20 -20.19 25.18
N ASN B 330 12.44 -20.36 23.88
CA ASN B 330 12.96 -21.65 23.37
C ASN B 330 14.30 -21.99 24.05
N ILE B 331 15.09 -20.96 24.28
CA ILE B 331 16.43 -21.15 24.81
C ILE B 331 16.33 -21.54 26.31
N ALA B 332 15.43 -20.85 27.04
CA ALA B 332 15.19 -21.13 28.49
C ALA B 332 14.67 -22.57 28.63
N ALA B 333 13.80 -22.94 27.71
CA ALA B 333 13.22 -24.27 27.68
C ALA B 333 14.27 -25.35 27.42
N TRP B 334 15.13 -25.15 26.44
CA TRP B 334 16.18 -26.12 26.19
C TRP B 334 17.00 -26.32 27.45
N GLN B 335 17.38 -25.20 28.07
CA GLN B 335 18.13 -25.14 29.35
C GLN B 335 17.53 -26.04 30.42
N ASP B 336 16.20 -26.02 30.53
CA ASP B 336 15.48 -26.80 31.51
C ASP B 336 15.15 -28.17 31.05
N GLY B 337 15.58 -28.58 29.87
CA GLY B 337 15.15 -29.86 29.30
C GLY B 337 13.72 -30.01 28.82
N THR B 338 13.07 -28.93 28.40
CA THR B 338 11.70 -29.03 27.91
C THR B 338 11.82 -28.94 26.39
N PRO B 339 11.39 -29.99 25.64
CA PRO B 339 11.39 -29.94 24.17
C PRO B 339 10.36 -28.87 23.75
N ARG B 340 10.87 -27.72 23.35
CA ARG B 340 10.02 -26.63 22.87
C ARG B 340 10.58 -26.19 21.48
N ASN B 341 9.73 -26.35 20.49
CA ASN B 341 9.99 -25.92 19.09
C ASN B 341 11.33 -26.45 18.58
N ARG B 342 11.60 -27.70 18.89
CA ARG B 342 12.79 -28.31 18.36
C ARG B 342 12.52 -28.73 16.94
N VAL B 343 13.55 -28.66 16.13
CA VAL B 343 13.48 -29.17 14.79
C VAL B 343 14.29 -30.43 14.76
N ARG B 344 13.72 -31.50 14.28
CA ARG B 344 14.39 -32.79 14.26
C ARG B 344 14.51 -33.25 12.80
N ALA B 345 15.58 -33.95 12.51
CA ALA B 345 15.81 -34.55 11.20
C ALA B 345 14.75 -35.59 10.87
#